data_8ZWF
#
_entry.id   8ZWF
#
_cell.length_a   1.00
_cell.length_b   1.00
_cell.length_c   1.00
_cell.angle_alpha   90.00
_cell.angle_beta   90.00
_cell.angle_gamma   90.00
#
_symmetry.space_group_name_H-M   'P 1'
#
loop_
_entity.id
_entity.type
_entity.pdbx_description
1 polymer 'Beta-2 adrenergic receptor,C3a anaphylatoxin chemotactic receptor,Soluble cytochrome b562'
2 polymer 'anti-BRIL Fab LC'
3 polymer 'anti-BRIL Fab HC'
4 non-polymer '(2~{S})-5-[bis(azanyl)methylideneamino]-2-[[5-[bis(4-chlorophenyl)methyl]-3-methyl-thiophen-2-yl]carbonylamino]pentanoic acid'
#
loop_
_entity_poly.entity_id
_entity_poly.type
_entity_poly.pdbx_seq_one_letter_code
_entity_poly.pdbx_strand_id
1 'polypeptide(L)'
;DYKDDDDVDMGQPGNGSAFLLAPNGSHAPDHDVTQQRDEENLYFQGASMASFSAETNSTDLLSQPWNEPPVILSMVILSL
TFLLGLPGNGLVLWVAGLKMQRTVNTIWFLHLTLADLLCCLSLPFSLAHLALQGQWPYGRFLCKLIPSIIVLNMFASVFL
LTAISLDRCLVVFKPIWCQNHRNVGMACSICGCIWVVAFVMCIPVFVYREIFTTDNHNRCGYKFGLSSSLDYPDFYGDPL
ENRSLENIVQPPGEMNDRLDPSSFQTNDHPWTVPTVFQPQTFQRPSADSLPRGSARLTSQNLYSNVFKPADVVSPKIPSG
FPIEDHETSPLDNSDAFLSTHLKLFPSASSNSFYESELPQGFQDYYNLGQFTDDDQVPTPLVAITITRLVVGFLLPSVIM
IACYSFIVFRARRQLADLEDNWETLNDNLKVIEKADNAAQVKDALTKMRAAALDAQKATPPKLEDKSPDSPEMKDFRHGF
DILVGQIDDALKLANEGKVKEAQAAAEQLKTTRNAYIQKYLERARSTLSKTFRVAVVVVAVFLVCWTPYHIFGVLSLLTD
PETPLGKTLMSWDHVCIALASANSCFNPFLYALLGKDFRKKARQSIQGILEAAFSEELTRSTHCPSNNVISERNSTTVHH
HHHHHH
;
A
2 'polypeptide(L)'
;SDIQMTQSPSSLSASVGDRVTITCRASQSVSSAVAWYQQKPGKAPKLLIYSASSLYSGVPSRFSGSRSGTDFTLTISSLQ
PEDFATYYCQQYLYYSLVTFGQGTKVEIKRTVAAPSVFIFPPSDSQLKSGTASVVCLLNNFYPREAKVQWKVDNALQSGN
SQESVTEQDSKDSTYSLSSTLTLSKADYEKHKVYACEVTHQGLSSPVTKSFNRGECVDENLYFQGASHHHHHHHH
;
C
3 'polypeptide(L)'
;EISEVQLVESGGGLVQPGGSLRLSCAASGFNVVDFSLHWVRQAPGKGLEWVAYISSSSGSTSYADSVKGRFTISADTSKN
TAYLQMNSLRAEDTAVYYCARWGYWPGEPWWKAFDYWGQGTLVTVSSASTKGPSVFPLAPSSKSTSGGTAALGCLVKDYF
PEPVTVSWNSGALTSGVHTFPAVLQSSGLYSLSSVVTVPSSSLGTQTYICNVNHKPSNTKVDKKVEPKS
;
D
#
loop_
_chem_comp.id
_chem_comp.type
_chem_comp.name
_chem_comp.formula
A1D9A non-polymer '(2~{S})-5-[bis(azanyl)methylideneamino]-2-[[5-[bis(4-chlorophenyl)methyl]-3-methyl-thiophen-2-yl]carbonylamino]pentanoic acid' 'C25 H26 Cl2 N4 O3 S'
#
# COMPACT_ATOMS: atom_id res chain seq x y z
N ASN A 67 -36.62 57.11 -25.55
CA ASN A 67 -36.04 56.93 -24.24
C ASN A 67 -36.80 55.83 -23.48
N GLU A 68 -36.06 54.95 -22.80
CA GLU A 68 -36.65 53.87 -22.05
C GLU A 68 -35.71 53.50 -20.91
N PRO A 69 -36.20 53.29 -19.70
CA PRO A 69 -35.31 53.00 -18.57
C PRO A 69 -34.46 51.75 -18.78
N PRO A 70 -35.02 50.65 -19.32
CA PRO A 70 -34.14 49.50 -19.60
C PRO A 70 -33.04 49.80 -20.60
N VAL A 71 -33.31 50.60 -21.63
CA VAL A 71 -32.28 50.94 -22.62
C VAL A 71 -31.17 51.76 -22.00
N ILE A 72 -31.53 52.76 -21.19
CA ILE A 72 -30.51 53.59 -20.53
C ILE A 72 -29.71 52.74 -19.54
N LEU A 73 -30.39 51.84 -18.82
CA LEU A 73 -29.68 50.96 -17.90
C LEU A 73 -28.69 50.06 -18.63
N SER A 74 -29.11 49.50 -19.76
CA SER A 74 -28.21 48.65 -20.54
C SER A 74 -27.02 49.44 -21.07
N MET A 75 -27.27 50.66 -21.55
CA MET A 75 -26.17 51.50 -22.03
C MET A 75 -25.19 51.81 -20.92
N VAL A 76 -25.69 52.17 -19.73
CA VAL A 76 -24.80 52.49 -18.62
C VAL A 76 -24.01 51.27 -18.19
N ILE A 77 -24.66 50.11 -18.11
CA ILE A 77 -23.97 48.89 -17.70
C ILE A 77 -22.89 48.52 -18.70
N LEU A 78 -23.19 48.61 -20.00
CA LEU A 78 -22.20 48.29 -21.02
C LEU A 78 -21.04 49.26 -20.99
N SER A 79 -21.32 50.56 -20.79
CA SER A 79 -20.25 51.54 -20.73
C SER A 79 -19.34 51.30 -19.54
N LEU A 80 -19.93 51.03 -18.37
CA LEU A 80 -19.13 50.75 -17.18
C LEU A 80 -18.31 49.48 -17.37
N THR A 81 -18.92 48.44 -17.94
CA THR A 81 -18.21 47.20 -18.19
C THR A 81 -17.02 47.42 -19.11
N PHE A 82 -17.22 48.16 -20.19
CA PHE A 82 -16.12 48.45 -21.12
C PHE A 82 -15.02 49.22 -20.43
N LEU A 83 -15.37 50.30 -19.73
CA LEU A 83 -14.38 51.17 -19.11
C LEU A 83 -13.60 50.45 -18.00
N LEU A 84 -14.24 49.52 -17.30
CA LEU A 84 -13.56 48.79 -16.23
C LEU A 84 -12.90 47.50 -16.71
N GLY A 85 -13.18 47.06 -17.93
CA GLY A 85 -12.60 45.83 -18.42
C GLY A 85 -11.47 45.99 -19.43
N LEU A 86 -11.60 46.94 -20.35
CA LEU A 86 -10.61 47.07 -21.42
C LEU A 86 -9.21 47.36 -20.87
N PRO A 87 -8.98 48.41 -20.07
CA PRO A 87 -7.61 48.64 -19.59
C PRO A 87 -7.11 47.56 -18.67
N GLY A 88 -7.96 47.06 -17.77
CA GLY A 88 -7.53 46.02 -16.86
C GLY A 88 -7.15 44.73 -17.57
N ASN A 89 -8.02 44.27 -18.48
CA ASN A 89 -7.72 43.06 -19.23
C ASN A 89 -6.50 43.25 -20.12
N GLY A 90 -6.36 44.43 -20.73
CA GLY A 90 -5.18 44.69 -21.53
C GLY A 90 -3.89 44.61 -20.73
N LEU A 91 -3.88 45.24 -19.54
CA LEU A 91 -2.70 45.21 -18.70
C LEU A 91 -2.41 43.80 -18.20
N VAL A 92 -3.45 43.05 -17.84
CA VAL A 92 -3.25 41.69 -17.36
C VAL A 92 -2.67 40.81 -18.47
N LEU A 93 -3.21 40.94 -19.70
CA LEU A 93 -2.69 40.17 -20.82
C LEU A 93 -1.25 40.55 -21.12
N TRP A 94 -0.93 41.84 -21.07
CA TRP A 94 0.44 42.28 -21.33
C TRP A 94 1.41 41.71 -20.29
N VAL A 95 1.02 41.76 -19.01
CA VAL A 95 1.87 41.23 -17.96
C VAL A 95 2.04 39.72 -18.10
N ALA A 96 0.96 39.01 -18.44
CA ALA A 96 1.04 37.56 -18.53
C ALA A 96 1.80 37.11 -19.77
N GLY A 97 1.83 37.94 -20.82
CA GLY A 97 2.51 37.56 -22.04
C GLY A 97 3.97 37.96 -22.09
N LEU A 98 4.29 39.15 -21.60
CA LEU A 98 5.65 39.68 -21.72
C LEU A 98 6.51 39.41 -20.49
N LYS A 99 5.90 39.28 -19.31
CA LYS A 99 6.65 39.12 -18.07
C LYS A 99 6.48 37.75 -17.44
N MET A 100 5.25 37.27 -17.30
CA MET A 100 5.01 35.98 -16.66
C MET A 100 5.58 34.85 -17.49
N GLN A 101 6.11 33.84 -16.79
CA GLN A 101 6.68 32.68 -17.47
C GLN A 101 5.59 31.87 -18.15
N ARG A 102 6.00 31.07 -19.13
CA ARG A 102 5.07 30.31 -19.97
C ARG A 102 4.72 29.01 -19.27
N THR A 103 3.64 29.04 -18.49
CA THR A 103 3.13 27.88 -17.78
C THR A 103 1.71 27.57 -18.25
N VAL A 104 1.10 26.57 -17.61
CA VAL A 104 -0.26 26.18 -17.96
C VAL A 104 -1.26 27.25 -17.50
N ASN A 105 -1.15 27.66 -16.23
CA ASN A 105 -2.02 28.72 -15.73
C ASN A 105 -1.81 30.02 -16.50
N THR A 106 -0.58 30.28 -16.94
CA THR A 106 -0.32 31.45 -17.78
C THR A 106 -1.08 31.35 -19.10
N ILE A 107 -1.10 30.15 -19.70
CA ILE A 107 -1.85 29.95 -20.95
C ILE A 107 -3.34 30.17 -20.71
N TRP A 108 -3.86 29.65 -19.58
CA TRP A 108 -5.27 29.84 -19.27
C TRP A 108 -5.60 31.31 -19.10
N PHE A 109 -4.75 32.05 -18.37
CA PHE A 109 -4.98 33.47 -18.17
C PHE A 109 -4.90 34.24 -19.48
N LEU A 110 -3.95 33.88 -20.34
CA LEU A 110 -3.83 34.54 -21.63
C LEU A 110 -5.07 34.33 -22.48
N HIS A 111 -5.56 33.08 -22.53
CA HIS A 111 -6.76 32.79 -23.31
C HIS A 111 -7.97 33.52 -22.75
N LEU A 112 -8.11 33.55 -21.41
CA LEU A 112 -9.24 34.25 -20.80
C LEU A 112 -9.19 35.74 -21.09
N THR A 113 -8.00 36.35 -20.98
CA THR A 113 -7.88 37.77 -21.25
C THR A 113 -8.12 38.08 -22.73
N LEU A 114 -7.67 37.20 -23.63
CA LEU A 114 -7.94 37.41 -25.04
C LEU A 114 -9.43 37.33 -25.34
N ALA A 115 -10.12 36.35 -24.75
CA ALA A 115 -11.56 36.25 -24.95
C ALA A 115 -12.28 37.47 -24.39
N ASP A 116 -11.87 37.94 -23.21
CA ASP A 116 -12.50 39.12 -22.62
C ASP A 116 -12.25 40.36 -23.46
N LEU A 117 -11.04 40.50 -24.01
CA LEU A 117 -10.74 41.66 -24.85
C LEU A 117 -11.54 41.61 -26.14
N LEU A 118 -11.63 40.44 -26.78
CA LEU A 118 -12.42 40.33 -27.99
C LEU A 118 -13.91 40.55 -27.74
N CYS A 119 -14.39 40.22 -26.53
CA CYS A 119 -15.77 40.49 -26.19
C CYS A 119 -16.00 41.97 -25.91
N CYS A 120 -15.03 42.63 -25.28
CA CYS A 120 -15.21 44.04 -24.94
C CYS A 120 -15.01 44.95 -26.14
N LEU A 121 -14.23 44.52 -27.13
CA LEU A 121 -14.01 45.34 -28.31
C LEU A 121 -15.29 45.56 -29.12
N SER A 122 -16.27 44.66 -28.99
CA SER A 122 -17.53 44.79 -29.71
C SER A 122 -18.60 45.53 -28.92
N LEU A 123 -18.31 45.93 -27.68
CA LEU A 123 -19.25 46.69 -26.86
C LEU A 123 -19.56 48.05 -27.46
N PRO A 124 -18.59 48.77 -28.06
CA PRO A 124 -18.97 49.99 -28.79
C PRO A 124 -19.96 49.72 -29.93
N PHE A 125 -19.81 48.59 -30.63
CA PHE A 125 -20.76 48.25 -31.67
C PHE A 125 -22.14 47.98 -31.10
N SER A 126 -22.21 47.31 -29.94
CA SER A 126 -23.50 47.07 -29.30
C SER A 126 -24.14 48.38 -28.85
N LEU A 127 -23.34 49.30 -28.33
CA LEU A 127 -23.87 50.60 -27.93
C LEU A 127 -24.38 51.38 -29.13
N ALA A 128 -23.65 51.34 -30.25
CA ALA A 128 -24.08 52.02 -31.46
C ALA A 128 -25.37 51.42 -32.01
N HIS A 129 -25.50 50.09 -31.92
CA HIS A 129 -26.72 49.44 -32.38
C HIS A 129 -27.91 49.79 -31.48
N LEU A 130 -27.69 49.82 -30.16
CA LEU A 130 -28.78 50.14 -29.25
C LEU A 130 -29.18 51.61 -29.33
N ALA A 131 -28.24 52.49 -29.65
CA ALA A 131 -28.56 53.91 -29.75
C ALA A 131 -29.45 54.20 -30.95
N LEU A 132 -29.36 53.40 -32.00
CA LEU A 132 -30.18 53.57 -33.19
C LEU A 132 -31.56 52.94 -33.06
N GLN A 133 -31.91 52.43 -31.88
CA GLN A 133 -33.24 51.86 -31.62
C GLN A 133 -33.53 50.68 -32.55
N GLY A 134 -32.51 49.87 -32.83
CA GLY A 134 -32.64 48.68 -33.63
C GLY A 134 -32.36 48.88 -35.11
N GLN A 135 -32.50 50.12 -35.61
CA GLN A 135 -32.27 50.40 -37.02
C GLN A 135 -30.79 50.17 -37.35
N TRP A 136 -30.53 49.21 -38.25
CA TRP A 136 -29.18 48.86 -38.66
C TRP A 136 -29.02 49.17 -40.14
N PRO A 137 -28.53 50.37 -40.48
CA PRO A 137 -28.42 50.72 -41.90
C PRO A 137 -27.35 49.94 -42.65
N TYR A 138 -26.40 49.32 -41.96
CA TYR A 138 -25.35 48.56 -42.62
C TYR A 138 -25.94 47.30 -43.25
N GLY A 139 -25.11 46.64 -44.06
CA GLY A 139 -25.53 45.43 -44.75
C GLY A 139 -25.76 44.27 -43.81
N ARG A 140 -26.20 43.15 -44.40
CA ARG A 140 -26.48 41.95 -43.64
C ARG A 140 -25.21 41.30 -43.10
N PHE A 141 -24.05 41.63 -43.66
CA PHE A 141 -22.80 41.00 -43.24
C PHE A 141 -22.53 41.27 -41.76
N LEU A 142 -22.53 42.54 -41.36
CA LEU A 142 -22.28 42.88 -39.96
C LEU A 142 -23.39 42.33 -39.07
N CYS A 143 -24.65 42.43 -39.51
CA CYS A 143 -25.77 41.95 -38.71
C CYS A 143 -25.68 40.45 -38.45
N LYS A 144 -25.10 39.69 -39.37
CA LYS A 144 -24.86 38.27 -39.14
C LYS A 144 -23.56 37.99 -38.43
N LEU A 145 -22.59 38.90 -38.50
CA LEU A 145 -21.26 38.65 -37.97
C LEU A 145 -21.13 39.01 -36.48
N ILE A 146 -21.46 40.25 -36.11
CA ILE A 146 -21.14 40.74 -34.77
C ILE A 146 -21.89 40.00 -33.66
N PRO A 147 -23.19 39.61 -33.81
CA PRO A 147 -23.81 38.85 -32.71
C PRO A 147 -23.23 37.45 -32.61
N SER A 148 -22.86 36.88 -33.76
CA SER A 148 -22.18 35.60 -33.76
C SER A 148 -20.83 35.69 -33.05
N ILE A 149 -20.10 36.79 -33.26
CA ILE A 149 -18.83 36.98 -32.57
C ILE A 149 -19.05 37.14 -31.06
N ILE A 150 -20.10 37.86 -30.68
CA ILE A 150 -20.41 38.02 -29.26
C ILE A 150 -20.70 36.67 -28.62
N VAL A 151 -21.53 35.86 -29.29
CA VAL A 151 -21.87 34.54 -28.75
C VAL A 151 -20.62 33.66 -28.71
N LEU A 152 -19.77 33.77 -29.72
CA LEU A 152 -18.52 33.00 -29.73
C LEU A 152 -17.66 33.36 -28.53
N ASN A 153 -17.50 34.65 -28.26
CA ASN A 153 -16.68 35.07 -27.11
C ASN A 153 -17.30 34.62 -25.80
N MET A 154 -18.63 34.72 -25.68
CA MET A 154 -19.29 34.29 -24.45
C MET A 154 -19.08 32.80 -24.21
N PHE A 155 -19.33 31.97 -25.23
CA PHE A 155 -19.15 30.53 -25.07
C PHE A 155 -17.70 30.17 -24.82
N ALA A 156 -16.76 30.87 -25.47
CA ALA A 156 -15.35 30.61 -25.23
C ALA A 156 -14.97 30.93 -23.79
N SER A 157 -15.45 32.05 -23.26
CA SER A 157 -15.15 32.40 -21.87
C SER A 157 -15.75 31.39 -20.90
N VAL A 158 -17.00 30.97 -21.16
CA VAL A 158 -17.65 30.00 -20.29
C VAL A 158 -16.88 28.68 -20.28
N PHE A 159 -16.50 28.20 -21.47
CA PHE A 159 -15.78 26.93 -21.55
C PHE A 159 -14.39 27.05 -20.94
N LEU A 160 -13.74 28.21 -21.07
CA LEU A 160 -12.43 28.40 -20.46
C LEU A 160 -12.53 28.38 -18.94
N LEU A 161 -13.55 29.04 -18.38
CA LEU A 161 -13.74 29.00 -16.93
C LEU A 161 -14.05 27.59 -16.46
N THR A 162 -14.87 26.86 -17.21
CA THR A 162 -15.18 25.49 -16.84
C THR A 162 -13.94 24.61 -16.87
N ALA A 163 -13.09 24.78 -17.89
CA ALA A 163 -11.87 23.99 -17.98
C ALA A 163 -10.88 24.36 -16.89
N ILE A 164 -10.82 25.64 -16.52
CA ILE A 164 -9.95 26.05 -15.41
C ILE A 164 -10.42 25.42 -14.11
N SER A 165 -11.73 25.41 -13.88
CA SER A 165 -12.26 24.76 -12.68
C SER A 165 -11.97 23.26 -12.68
N LEU A 166 -12.13 22.61 -13.84
CA LEU A 166 -11.85 21.19 -13.95
C LEU A 166 -10.38 20.89 -13.67
N ASP A 167 -9.48 21.74 -14.19
CA ASP A 167 -8.05 21.53 -13.94
C ASP A 167 -7.70 21.76 -12.48
N ARG A 168 -8.29 22.79 -11.85
CA ARG A 168 -8.04 23.03 -10.44
C ARG A 168 -8.58 21.91 -9.58
N CYS A 169 -9.63 21.22 -10.04
CA CYS A 169 -10.13 20.07 -9.29
C CYS A 169 -9.25 18.83 -9.53
N LEU A 170 -8.74 18.66 -10.75
CA LEU A 170 -7.96 17.48 -11.07
C LEU A 170 -6.57 17.53 -10.44
N VAL A 171 -5.99 18.73 -10.32
CA VAL A 171 -4.68 18.85 -9.69
C VAL A 171 -4.69 18.54 -8.21
N VAL A 172 -5.88 18.48 -7.60
CA VAL A 172 -6.01 18.15 -6.18
C VAL A 172 -6.53 16.73 -6.05
N PHE A 173 -7.33 16.29 -7.03
CA PHE A 173 -7.89 14.95 -6.99
C PHE A 173 -6.81 13.89 -7.20
N LYS A 174 -6.12 13.94 -8.34
CA LYS A 174 -5.07 12.99 -8.68
C LYS A 174 -3.81 13.77 -8.99
N PRO A 175 -2.92 13.97 -8.01
CA PRO A 175 -1.71 14.78 -8.26
C PRO A 175 -0.69 14.08 -9.13
N ILE A 176 -0.61 12.75 -9.09
CA ILE A 176 0.40 12.04 -9.87
C ILE A 176 0.09 12.12 -11.35
N TRP A 177 -1.18 11.95 -11.72
CA TRP A 177 -1.56 12.01 -13.13
C TRP A 177 -1.28 13.40 -13.71
N CYS A 178 -1.54 14.45 -12.92
CA CYS A 178 -1.25 15.80 -13.39
C CYS A 178 0.25 16.05 -13.44
N GLN A 179 1.00 15.55 -12.47
CA GLN A 179 2.44 15.74 -12.47
C GLN A 179 3.10 15.04 -13.64
N ASN A 180 2.52 13.93 -14.10
CA ASN A 180 3.11 13.16 -15.20
C ASN A 180 2.49 13.47 -16.56
N HIS A 181 1.36 14.17 -16.62
CA HIS A 181 0.71 14.41 -17.91
C HIS A 181 0.41 15.87 -18.18
N ARG A 182 0.05 16.65 -17.16
CA ARG A 182 -0.34 18.04 -17.36
C ARG A 182 0.87 18.86 -17.76
N ASN A 183 0.83 19.42 -18.97
CA ASN A 183 1.90 20.25 -19.50
C ASN A 183 1.29 21.36 -20.34
N VAL A 184 2.14 22.04 -21.12
CA VAL A 184 1.65 23.15 -21.94
C VAL A 184 0.98 22.63 -23.21
N GLY A 185 1.43 21.51 -23.75
CA GLY A 185 0.83 20.98 -24.96
C GLY A 185 -0.61 20.55 -24.76
N MET A 186 -0.89 19.89 -23.64
CA MET A 186 -2.27 19.51 -23.34
C MET A 186 -3.16 20.73 -23.14
N ALA A 187 -2.62 21.77 -22.51
CA ALA A 187 -3.38 23.00 -22.35
C ALA A 187 -3.69 23.64 -23.70
N CYS A 188 -2.71 23.68 -24.59
CA CYS A 188 -2.95 24.24 -25.92
C CYS A 188 -3.99 23.41 -26.68
N SER A 189 -3.90 22.08 -26.57
CA SER A 189 -4.86 21.22 -27.27
C SER A 189 -6.27 21.41 -26.72
N ILE A 190 -6.43 21.49 -25.40
CA ILE A 190 -7.77 21.65 -24.86
C ILE A 190 -8.31 23.05 -25.14
N CYS A 191 -7.44 24.06 -25.21
CA CYS A 191 -7.90 25.38 -25.60
C CYS A 191 -8.34 25.41 -27.05
N GLY A 192 -7.61 24.71 -27.93
CA GLY A 192 -8.04 24.59 -29.31
C GLY A 192 -9.37 23.87 -29.44
N CYS A 193 -9.56 22.80 -28.66
CA CYS A 193 -10.84 22.10 -28.67
C CYS A 193 -11.96 22.99 -28.16
N ILE A 194 -11.67 23.81 -27.14
CA ILE A 194 -12.67 24.75 -26.63
C ILE A 194 -13.06 25.76 -27.71
N TRP A 195 -12.07 26.30 -28.41
CA TRP A 195 -12.37 27.25 -29.49
C TRP A 195 -13.16 26.57 -30.61
N VAL A 196 -12.85 25.31 -30.92
CA VAL A 196 -13.58 24.60 -31.95
C VAL A 196 -15.03 24.39 -31.54
N VAL A 197 -15.27 24.00 -30.28
CA VAL A 197 -16.64 23.80 -29.81
C VAL A 197 -17.39 25.12 -29.81
N ALA A 198 -16.71 26.21 -29.43
CA ALA A 198 -17.35 27.51 -29.43
C ALA A 198 -17.73 27.94 -30.85
N PHE A 199 -16.84 27.69 -31.82
CA PHE A 199 -17.16 28.01 -33.21
C PHE A 199 -18.31 27.16 -33.72
N VAL A 200 -18.38 25.89 -33.31
CA VAL A 200 -19.48 25.03 -33.71
C VAL A 200 -20.80 25.56 -33.14
N MET A 201 -20.79 26.00 -31.88
CA MET A 201 -21.99 26.57 -31.30
C MET A 201 -22.33 27.92 -31.92
N CYS A 202 -21.33 28.63 -32.44
CA CYS A 202 -21.56 29.94 -33.06
C CYS A 202 -22.10 29.81 -34.48
N ILE A 203 -21.77 28.72 -35.18
CA ILE A 203 -22.21 28.54 -36.56
C ILE A 203 -23.72 28.77 -36.74
N PRO A 204 -24.61 28.14 -35.97
CA PRO A 204 -26.04 28.35 -36.21
C PRO A 204 -26.47 29.80 -35.98
N VAL A 205 -25.80 30.53 -35.10
CA VAL A 205 -26.11 31.95 -34.91
C VAL A 205 -25.85 32.72 -36.20
N PHE A 206 -24.68 32.50 -36.80
CA PHE A 206 -24.36 33.17 -38.07
C PHE A 206 -25.25 32.68 -39.19
N VAL A 207 -25.74 31.45 -39.11
CA VAL A 207 -26.55 30.89 -40.21
C VAL A 207 -27.96 31.47 -40.17
N TYR A 208 -28.61 31.41 -39.01
CA TYR A 208 -30.02 31.76 -38.91
C TYR A 208 -30.29 33.25 -38.76
N ARG A 209 -29.27 34.07 -38.55
CA ARG A 209 -29.49 35.50 -38.43
C ARG A 209 -29.70 36.14 -39.80
N GLU A 210 -30.62 37.10 -39.86
CA GLU A 210 -30.96 37.78 -41.10
C GLU A 210 -31.65 39.09 -40.76
N ILE A 211 -31.45 40.09 -41.61
CA ILE A 211 -32.04 41.40 -41.40
C ILE A 211 -33.57 41.33 -41.50
N ASN A 218 -36.03 48.12 -41.02
CA ASN A 218 -35.02 47.08 -40.91
C ASN A 218 -34.75 46.74 -39.45
N ARG A 219 -34.73 45.44 -39.13
CA ARG A 219 -34.46 44.97 -37.78
C ARG A 219 -33.62 43.73 -37.85
N CYS A 220 -32.40 43.81 -37.31
CA CYS A 220 -31.48 42.67 -37.30
C CYS A 220 -31.91 41.66 -36.26
N GLY A 221 -32.08 40.40 -36.68
CA GLY A 221 -32.50 39.36 -35.78
C GLY A 221 -32.92 38.09 -36.48
N TYR A 222 -34.04 37.51 -36.04
CA TYR A 222 -34.57 36.28 -36.62
C TYR A 222 -35.95 36.55 -37.20
N LYS A 223 -36.61 35.49 -37.67
CA LYS A 223 -37.94 35.60 -38.25
C LYS A 223 -38.89 34.61 -37.61
N LEU A 381 -35.67 27.26 -34.00
CA LEU A 381 -35.37 28.28 -32.99
C LEU A 381 -35.50 27.69 -31.58
N VAL A 382 -36.47 26.81 -31.39
CA VAL A 382 -36.68 26.20 -30.09
C VAL A 382 -35.55 25.22 -29.77
N ALA A 383 -35.23 24.34 -30.73
CA ALA A 383 -34.16 23.38 -30.52
C ALA A 383 -32.81 24.06 -30.32
N ILE A 384 -32.60 25.19 -30.98
CA ILE A 384 -31.35 25.92 -30.81
C ILE A 384 -31.21 26.40 -29.37
N THR A 385 -32.27 27.02 -28.83
CA THR A 385 -32.22 27.47 -27.44
C THR A 385 -32.10 26.29 -26.48
N ILE A 386 -32.75 25.18 -26.80
CA ILE A 386 -32.68 24.00 -25.94
C ILE A 386 -31.24 23.48 -25.86
N THR A 387 -30.61 23.27 -27.03
CA THR A 387 -29.25 22.76 -27.02
C THR A 387 -28.27 23.78 -26.45
N ARG A 388 -28.55 25.08 -26.59
CA ARG A 388 -27.72 26.08 -25.96
C ARG A 388 -27.80 25.99 -24.45
N LEU A 389 -29.02 25.90 -23.90
CA LEU A 389 -29.18 25.76 -22.46
C LEU A 389 -28.54 24.46 -21.95
N VAL A 390 -28.58 23.41 -22.76
CA VAL A 390 -28.03 22.13 -22.33
C VAL A 390 -26.50 22.17 -22.31
N VAL A 391 -25.89 22.64 -23.41
CA VAL A 391 -24.44 22.52 -23.55
C VAL A 391 -23.71 23.66 -22.84
N GLY A 392 -24.24 24.88 -22.89
CA GLY A 392 -23.49 26.02 -22.39
C GLY A 392 -23.79 26.46 -20.98
N PHE A 393 -24.92 26.04 -20.43
CA PHE A 393 -25.34 26.50 -19.10
C PHE A 393 -25.46 25.38 -18.08
N LEU A 394 -26.09 24.26 -18.43
CA LEU A 394 -26.34 23.21 -17.44
C LEU A 394 -25.07 22.45 -17.10
N LEU A 395 -24.47 21.80 -18.11
CA LEU A 395 -23.28 20.99 -17.87
C LEU A 395 -22.10 21.80 -17.33
N PRO A 396 -21.74 22.97 -17.89
CA PRO A 396 -20.61 23.71 -17.32
C PRO A 396 -20.83 24.14 -15.88
N SER A 397 -22.03 24.66 -15.57
CA SER A 397 -22.31 25.10 -14.20
C SER A 397 -22.29 23.92 -13.24
N VAL A 398 -22.86 22.78 -13.64
CA VAL A 398 -22.85 21.60 -12.78
C VAL A 398 -21.42 21.13 -12.54
N ILE A 399 -20.59 21.11 -13.58
CA ILE A 399 -19.21 20.67 -13.44
C ILE A 399 -18.45 21.61 -12.50
N MET A 400 -18.63 22.92 -12.68
CA MET A 400 -17.94 23.88 -11.83
C MET A 400 -18.39 23.75 -10.37
N ILE A 401 -19.68 23.60 -10.14
CA ILE A 401 -20.19 23.48 -8.77
C ILE A 401 -19.64 22.22 -8.13
N ALA A 402 -19.64 21.10 -8.87
CA ALA A 402 -19.12 19.85 -8.32
C ALA A 402 -17.64 19.96 -8.01
N CYS A 403 -16.87 20.58 -8.90
CA CYS A 403 -15.43 20.71 -8.68
C CYS A 403 -15.14 21.59 -7.46
N TYR A 404 -15.81 22.73 -7.35
CA TYR A 404 -15.58 23.60 -6.20
C TYR A 404 -16.02 22.94 -4.91
N SER A 405 -17.15 22.21 -4.94
CA SER A 405 -17.61 21.51 -3.74
C SER A 405 -16.61 20.44 -3.32
N PHE A 406 -16.06 19.69 -4.28
CA PHE A 406 -15.09 18.66 -3.94
C PHE A 406 -13.81 19.28 -3.36
N ILE A 407 -13.36 20.39 -3.96
CA ILE A 407 -12.15 21.05 -3.45
C ILE A 407 -12.39 21.55 -2.03
N VAL A 408 -13.53 22.19 -1.78
CA VAL A 408 -13.84 22.70 -0.45
C VAL A 408 -13.93 21.57 0.55
N PHE A 409 -14.57 20.46 0.17
CA PHE A 409 -14.71 19.33 1.10
C PHE A 409 -13.36 18.72 1.42
N ARG A 410 -12.48 18.57 0.42
CA ARG A 410 -11.16 18.00 0.69
C ARG A 410 -10.33 18.93 1.56
N ALA A 411 -10.40 20.24 1.32
CA ALA A 411 -9.65 21.18 2.15
C ALA A 411 -10.18 21.19 3.59
N ARG A 412 -11.49 21.13 3.75
CA ARG A 412 -12.06 21.07 5.10
C ARG A 412 -11.69 19.78 5.81
N ARG A 413 -11.63 18.66 5.07
CA ARG A 413 -11.20 17.41 5.67
C ARG A 413 -9.74 17.46 6.10
N GLN A 414 -8.89 18.09 5.28
CA GLN A 414 -7.49 18.25 5.67
C GLN A 414 -7.36 19.13 6.91
N LEU A 415 -8.12 20.22 6.98
CA LEU A 415 -8.07 21.08 8.15
C LEU A 415 -8.59 20.35 9.38
N ALA A 416 -9.63 19.53 9.22
CA ALA A 416 -10.15 18.75 10.34
C ALA A 416 -9.13 17.73 10.83
N ASP A 417 -8.41 17.10 9.90
CA ASP A 417 -7.36 16.16 10.31
C ASP A 417 -6.24 16.88 11.05
N LEU A 418 -5.86 18.07 10.57
CA LEU A 418 -4.82 18.84 11.26
C LEU A 418 -5.28 19.25 12.65
N GLU A 419 -6.54 19.67 12.77
CA GLU A 419 -7.06 20.08 14.08
C GLU A 419 -7.15 18.88 15.02
N ASP A 420 -7.51 17.71 14.50
CA ASP A 420 -7.54 16.50 15.33
C ASP A 420 -6.14 16.12 15.79
N ASN A 421 -5.15 16.26 14.91
CA ASN A 421 -3.77 16.00 15.31
C ASN A 421 -3.33 16.96 16.40
N TRP A 422 -3.65 18.24 16.25
CA TRP A 422 -3.29 19.22 17.28
C TRP A 422 -4.00 18.92 18.60
N GLU A 423 -5.26 18.50 18.53
CA GLU A 423 -5.99 18.17 19.75
C GLU A 423 -5.40 16.94 20.44
N THR A 424 -4.99 15.94 19.66
CA THR A 424 -4.33 14.77 20.24
C THR A 424 -2.97 15.12 20.81
N LEU A 425 -2.30 16.13 20.24
CA LEU A 425 -1.03 16.59 20.79
C LEU A 425 -1.25 17.32 22.12
N ASN A 426 -2.34 18.08 22.23
CA ASN A 426 -2.53 18.94 23.39
C ASN A 426 -3.17 18.18 24.56
N ASP A 427 -4.20 17.37 24.29
CA ASP A 427 -4.94 16.75 25.39
C ASP A 427 -4.09 15.75 26.16
N ASN A 428 -3.17 15.06 25.49
CA ASN A 428 -2.31 14.12 26.19
C ASN A 428 -1.20 14.83 26.95
N LEU A 429 -0.70 15.95 26.43
CA LEU A 429 0.24 16.76 27.21
C LEU A 429 -0.42 17.34 28.45
N LYS A 430 -1.72 17.62 28.38
CA LYS A 430 -2.44 18.12 29.54
C LYS A 430 -2.33 17.18 30.73
N VAL A 431 -2.30 15.87 30.48
CA VAL A 431 -2.13 14.91 31.57
C VAL A 431 -0.67 14.48 31.75
N ILE A 432 0.18 14.64 30.73
CA ILE A 432 1.60 14.38 30.89
C ILE A 432 2.20 15.37 31.88
N GLU A 433 1.76 16.63 31.82
CA GLU A 433 2.27 17.66 32.74
C GLU A 433 2.00 17.33 34.20
N LYS A 434 1.11 16.39 34.50
CA LYS A 434 0.84 15.99 35.88
C LYS A 434 0.71 14.48 36.02
N ALA A 435 1.41 13.73 35.16
CA ALA A 435 1.35 12.28 35.21
C ALA A 435 2.23 11.74 36.34
N ASP A 436 2.01 10.47 36.69
CA ASP A 436 2.77 9.83 37.76
C ASP A 436 3.14 8.39 37.39
N ASN A 437 3.25 8.09 36.11
CA ASN A 437 3.60 6.75 35.67
C ASN A 437 4.25 6.83 34.30
N ALA A 438 5.17 5.90 34.03
CA ALA A 438 5.93 5.94 32.78
C ALA A 438 5.15 5.33 31.61
N ALA A 439 4.26 4.38 31.88
CA ALA A 439 3.55 3.72 30.79
C ALA A 439 2.62 4.69 30.07
N GLN A 440 1.80 5.43 30.84
CA GLN A 440 0.92 6.40 30.22
C GLN A 440 1.70 7.49 29.52
N VAL A 441 2.83 7.91 30.09
CA VAL A 441 3.66 8.95 29.48
C VAL A 441 4.18 8.48 28.13
N LYS A 442 4.75 7.27 28.08
CA LYS A 442 5.30 6.78 26.82
C LYS A 442 4.19 6.50 25.80
N ASP A 443 3.01 6.05 26.25
CA ASP A 443 1.90 5.85 25.33
C ASP A 443 1.45 7.17 24.71
N ALA A 444 1.30 8.21 25.55
CA ALA A 444 0.91 9.51 25.03
C ALA A 444 1.99 10.10 24.12
N LEU A 445 3.25 9.85 24.42
CA LEU A 445 4.33 10.35 23.56
C LEU A 445 4.34 9.63 22.22
N THR A 446 4.07 8.32 22.21
CA THR A 446 3.94 7.61 20.95
C THR A 446 2.75 8.12 20.14
N LYS A 447 1.64 8.40 20.82
CA LYS A 447 0.50 9.01 20.13
C LYS A 447 0.87 10.37 19.54
N MET A 448 1.64 11.17 20.29
CA MET A 448 2.10 12.45 19.77
C MET A 448 2.98 12.27 18.54
N ARG A 449 3.88 11.30 18.58
CA ARG A 449 4.75 11.04 17.44
C ARG A 449 3.95 10.62 16.22
N ALA A 450 2.94 9.76 16.43
CA ALA A 450 2.08 9.34 15.32
C ALA A 450 1.31 10.53 14.75
N ALA A 451 0.78 11.39 15.62
CA ALA A 451 0.05 12.56 15.14
C ALA A 451 0.95 13.51 14.39
N ALA A 452 2.20 13.67 14.84
CA ALA A 452 3.14 14.53 14.15
C ALA A 452 3.51 13.97 12.79
N LEU A 453 3.72 12.65 12.70
CA LEU A 453 4.00 12.03 11.41
C LEU A 453 2.81 12.13 10.48
N ASP A 454 1.59 12.08 11.02
CA ASP A 454 0.40 12.28 10.18
C ASP A 454 0.30 13.71 9.68
N ALA A 455 0.55 14.68 10.54
CA ALA A 455 0.45 16.08 10.16
C ALA A 455 1.60 16.54 9.28
N GLN A 456 2.72 15.81 9.27
CA GLN A 456 3.83 16.19 8.41
C GLN A 456 3.49 16.05 6.94
N LYS A 457 2.60 15.12 6.59
CA LYS A 457 2.18 14.89 5.21
C LYS A 457 0.98 15.73 4.82
N ALA A 458 0.54 16.64 5.67
CA ALA A 458 -0.62 17.48 5.37
C ALA A 458 -0.20 18.68 4.51
N LYS A 474 11.50 24.09 3.42
CA LYS A 474 10.59 24.94 4.16
C LYS A 474 10.77 24.75 5.67
N ASP A 475 10.55 25.82 6.43
CA ASP A 475 10.73 25.76 7.87
C ASP A 475 9.73 24.84 8.56
N PHE A 476 8.61 24.54 7.91
CA PHE A 476 7.63 23.64 8.50
C PHE A 476 8.20 22.24 8.67
N ARG A 477 8.86 21.73 7.63
CA ARG A 477 9.47 20.41 7.71
C ARG A 477 10.59 20.36 8.75
N HIS A 478 11.37 21.44 8.84
CA HIS A 478 12.44 21.50 9.84
C HIS A 478 11.86 21.51 11.25
N GLY A 479 10.79 22.27 11.47
CA GLY A 479 10.15 22.27 12.77
C GLY A 479 9.56 20.93 13.14
N PHE A 480 8.91 20.28 12.21
CA PHE A 480 8.42 18.93 12.54
C PHE A 480 9.57 17.95 12.77
N ASP A 481 10.66 18.06 12.03
CA ASP A 481 11.79 17.18 12.31
C ASP A 481 12.36 17.42 13.70
N ILE A 482 12.47 18.69 14.10
CA ILE A 482 12.94 18.99 15.46
C ILE A 482 11.97 18.45 16.50
N LEU A 483 10.66 18.57 16.24
CA LEU A 483 9.66 18.05 17.17
C LEU A 483 9.77 16.54 17.30
N VAL A 484 9.91 15.84 16.17
CA VAL A 484 10.02 14.38 16.22
C VAL A 484 11.32 13.96 16.90
N GLY A 485 12.40 14.69 16.68
CA GLY A 485 13.65 14.38 17.35
C GLY A 485 13.55 14.56 18.85
N GLN A 486 12.91 15.64 19.30
CA GLN A 486 12.72 15.83 20.74
C GLN A 486 11.78 14.79 21.32
N ILE A 487 10.78 14.36 20.56
CA ILE A 487 9.90 13.28 21.03
C ILE A 487 10.68 11.98 21.17
N ASP A 488 11.57 11.69 20.21
CA ASP A 488 12.40 10.49 20.32
C ASP A 488 13.33 10.57 21.51
N ASP A 489 13.89 11.76 21.78
CA ASP A 489 14.73 11.94 22.96
C ASP A 489 13.92 11.71 24.23
N ALA A 490 12.68 12.21 24.27
CA ALA A 490 11.82 11.98 25.43
C ALA A 490 11.51 10.50 25.62
N LEU A 491 11.29 9.79 24.50
CA LEU A 491 11.06 8.35 24.59
C LEU A 491 12.28 7.63 25.14
N LYS A 492 13.48 7.99 24.64
CA LYS A 492 14.69 7.36 25.14
C LYS A 492 14.91 7.66 26.62
N LEU A 493 14.55 8.87 27.06
CA LEU A 493 14.69 9.22 28.46
C LEU A 493 13.67 8.51 29.33
N ALA A 494 12.47 8.25 28.79
CA ALA A 494 11.43 7.58 29.56
C ALA A 494 11.67 6.09 29.66
N ASN A 495 12.23 5.47 28.61
CA ASN A 495 12.49 4.03 28.64
C ASN A 495 13.57 3.66 29.67
N GLU A 496 14.39 4.62 30.08
CA GLU A 496 15.43 4.37 31.08
C GLU A 496 14.92 4.54 32.52
N GLY A 497 13.62 4.70 32.71
CA GLY A 497 13.07 4.85 34.04
C GLY A 497 13.07 6.27 34.58
N LYS A 498 13.43 7.26 33.77
CA LYS A 498 13.46 8.66 34.21
C LYS A 498 12.12 9.30 33.85
N VAL A 499 11.22 9.36 34.83
CA VAL A 499 9.90 9.92 34.58
C VAL A 499 9.94 11.44 34.62
N LYS A 500 10.69 12.01 35.57
CA LYS A 500 10.73 13.46 35.69
C LYS A 500 11.46 14.09 34.51
N GLU A 501 12.56 13.48 34.07
CA GLU A 501 13.28 13.99 32.91
C GLU A 501 12.42 13.88 31.65
N ALA A 502 11.64 12.80 31.54
CA ALA A 502 10.73 12.65 30.40
C ALA A 502 9.64 13.71 30.42
N GLN A 503 9.10 14.00 31.61
CA GLN A 503 8.09 15.06 31.71
C GLN A 503 8.69 16.41 31.36
N ALA A 504 9.93 16.67 31.77
CA ALA A 504 10.60 17.91 31.41
C ALA A 504 10.81 18.02 29.91
N ALA A 505 11.25 16.92 29.27
CA ALA A 505 11.44 16.93 27.83
C ALA A 505 10.12 17.10 27.09
N ALA A 506 9.03 16.58 27.64
CA ALA A 506 7.72 16.75 27.01
C ALA A 506 7.22 18.19 27.18
N GLU A 507 7.49 18.79 28.34
CA GLU A 507 7.10 20.18 28.54
C GLU A 507 7.95 21.12 27.69
N GLN A 508 9.17 20.72 27.36
CA GLN A 508 10.01 21.54 26.49
C GLN A 508 9.44 21.68 25.08
N LEU A 509 8.50 20.81 24.70
CA LEU A 509 7.94 20.85 23.36
C LEU A 509 7.08 22.09 23.12
N LYS A 510 6.64 22.77 24.18
CA LYS A 510 5.77 23.91 24.04
C LYS A 510 6.42 25.04 23.24
N THR A 511 7.73 25.19 23.37
CA THR A 511 8.44 26.25 22.64
C THR A 511 8.30 26.06 21.13
N THR A 512 8.74 24.91 20.63
CA THR A 512 8.64 24.65 19.19
C THR A 512 7.18 24.57 18.75
N ARG A 513 6.29 24.11 19.62
CA ARG A 513 4.87 24.09 19.28
C ARG A 513 4.37 25.49 18.99
N ASN A 514 4.45 26.39 19.96
CA ASN A 514 4.02 27.76 19.77
C ASN A 514 4.84 28.49 18.71
N ALA A 515 6.01 27.97 18.36
CA ALA A 515 6.82 28.62 17.32
C ALA A 515 6.36 28.25 15.91
N TYR A 516 6.02 26.98 15.68
CA TYR A 516 5.72 26.52 14.33
C TYR A 516 4.30 26.04 14.14
N ILE A 517 3.78 25.21 15.05
CA ILE A 517 2.53 24.52 14.80
C ILE A 517 1.36 25.50 14.78
N GLN A 518 1.30 26.39 15.77
CA GLN A 518 0.21 27.36 15.82
C GLN A 518 0.25 28.30 14.62
N LYS A 519 1.45 28.76 14.25
CA LYS A 519 1.59 29.66 13.12
C LYS A 519 1.11 28.99 11.83
N TYR A 520 1.54 27.74 11.60
CA TYR A 520 1.14 27.08 10.36
C TYR A 520 -0.33 26.67 10.38
N LEU A 521 -0.89 26.39 11.56
CA LEU A 521 -2.32 26.13 11.64
C LEU A 521 -3.14 27.37 11.30
N GLU A 522 -2.72 28.53 11.82
CA GLU A 522 -3.38 29.77 11.48
C GLU A 522 -3.24 30.08 9.99
N ARG A 523 -2.06 29.80 9.43
CA ARG A 523 -1.86 30.02 7.99
C ARG A 523 -2.76 29.12 7.16
N ALA A 524 -2.90 27.85 7.56
CA ALA A 524 -3.77 26.93 6.83
C ALA A 524 -5.23 27.34 6.94
N ARG A 525 -5.65 27.80 8.12
CA ARG A 525 -7.01 28.27 8.29
C ARG A 525 -7.28 29.50 7.43
N SER A 526 -6.33 30.44 7.39
CA SER A 526 -6.48 31.62 6.55
C SER A 526 -6.54 31.24 5.07
N THR A 527 -5.71 30.28 4.65
CA THR A 527 -5.72 29.85 3.25
C THR A 527 -7.05 29.19 2.89
N LEU A 528 -7.58 28.35 3.78
CA LEU A 528 -8.87 27.73 3.54
C LEU A 528 -9.98 28.77 3.45
N SER A 529 -9.99 29.73 4.38
CA SER A 529 -10.99 30.79 4.33
C SER A 529 -10.89 31.57 3.02
N LYS A 530 -9.66 31.89 2.59
CA LYS A 530 -9.47 32.65 1.37
C LYS A 530 -9.98 31.88 0.16
N THR A 531 -9.58 30.61 0.03
CA THR A 531 -10.01 29.85 -1.14
C THR A 531 -11.51 29.58 -1.13
N PHE A 532 -12.11 29.39 0.05
CA PHE A 532 -13.55 29.21 0.12
C PHE A 532 -14.29 30.49 -0.29
N ARG A 533 -13.83 31.64 0.21
CA ARG A 533 -14.43 32.90 -0.21
C ARG A 533 -14.28 33.12 -1.70
N VAL A 534 -13.12 32.79 -2.26
CA VAL A 534 -12.89 32.96 -3.70
C VAL A 534 -13.84 32.07 -4.49
N ALA A 535 -13.96 30.80 -4.10
CA ALA A 535 -14.86 29.90 -4.80
C ALA A 535 -16.31 30.37 -4.73
N VAL A 536 -16.75 30.80 -3.54
CA VAL A 536 -18.13 31.26 -3.37
C VAL A 536 -18.39 32.49 -4.24
N VAL A 537 -17.45 33.44 -4.23
CA VAL A 537 -17.64 34.66 -5.02
C VAL A 537 -17.67 34.34 -6.51
N VAL A 538 -16.79 33.44 -6.96
CA VAL A 538 -16.75 33.09 -8.38
C VAL A 538 -18.05 32.42 -8.80
N VAL A 539 -18.53 31.47 -7.99
CA VAL A 539 -19.77 30.78 -8.31
C VAL A 539 -20.94 31.76 -8.33
N ALA A 540 -21.00 32.66 -7.35
CA ALA A 540 -22.09 33.62 -7.29
C ALA A 540 -22.08 34.56 -8.48
N VAL A 541 -20.89 35.05 -8.87
CA VAL A 541 -20.79 35.93 -10.02
C VAL A 541 -21.20 35.21 -11.29
N PHE A 542 -20.71 33.99 -11.48
CA PHE A 542 -21.08 33.22 -12.67
C PHE A 542 -22.59 33.01 -12.75
N LEU A 543 -23.21 32.64 -11.62
CA LEU A 543 -24.65 32.41 -11.61
C LEU A 543 -25.41 33.69 -11.92
N VAL A 544 -25.09 34.79 -11.21
CA VAL A 544 -25.79 36.05 -11.43
C VAL A 544 -25.62 36.54 -12.85
N CYS A 545 -24.47 36.23 -13.48
CA CYS A 545 -24.24 36.74 -14.83
C CYS A 545 -24.90 35.88 -15.90
N TRP A 546 -24.97 34.56 -15.70
CA TRP A 546 -25.39 33.67 -16.77
C TRP A 546 -26.76 33.02 -16.56
N THR A 547 -27.41 33.25 -15.41
CA THR A 547 -28.73 32.67 -15.20
C THR A 547 -29.84 33.48 -15.89
N PRO A 548 -29.91 34.81 -15.72
CA PRO A 548 -31.02 35.54 -16.36
C PRO A 548 -31.02 35.47 -17.87
N TYR A 549 -29.84 35.41 -18.50
CA TYR A 549 -29.79 35.30 -19.95
C TYR A 549 -30.51 34.04 -20.43
N HIS A 550 -30.16 32.88 -19.87
CA HIS A 550 -30.80 31.64 -20.27
C HIS A 550 -32.27 31.59 -19.83
N ILE A 551 -32.59 32.19 -18.68
CA ILE A 551 -33.98 32.23 -18.24
C ILE A 551 -34.84 32.97 -19.26
N PHE A 552 -34.38 34.15 -19.69
CA PHE A 552 -35.13 34.90 -20.69
C PHE A 552 -35.13 34.21 -22.04
N GLY A 553 -34.03 33.54 -22.39
CA GLY A 553 -34.01 32.78 -23.64
C GLY A 553 -35.03 31.67 -23.66
N VAL A 554 -35.22 31.01 -22.50
CA VAL A 554 -36.23 29.96 -22.43
C VAL A 554 -37.63 30.55 -22.42
N LEU A 555 -37.83 31.65 -21.67
CA LEU A 555 -39.16 32.25 -21.59
C LEU A 555 -39.59 32.91 -22.89
N SER A 556 -38.64 33.24 -23.78
CA SER A 556 -39.01 33.84 -25.06
C SER A 556 -39.83 32.91 -25.91
N LEU A 557 -39.58 31.60 -25.82
CA LEU A 557 -40.34 30.63 -26.59
C LEU A 557 -41.68 30.27 -25.94
N LEU A 558 -41.81 30.46 -24.63
CA LEU A 558 -43.04 30.17 -23.92
C LEU A 558 -43.92 31.40 -23.73
N THR A 559 -43.62 32.49 -24.41
CA THR A 559 -44.39 33.73 -24.31
C THR A 559 -44.52 34.35 -25.69
N ASP A 560 -45.73 34.74 -26.06
CA ASP A 560 -45.95 35.35 -27.36
C ASP A 560 -45.40 36.77 -27.37
N PRO A 561 -44.65 37.15 -28.43
CA PRO A 561 -44.11 38.52 -28.47
C PRO A 561 -45.18 39.59 -28.53
N GLU A 562 -46.37 39.29 -29.03
CA GLU A 562 -47.43 40.29 -29.11
C GLU A 562 -48.02 40.61 -27.75
N THR A 563 -47.92 39.70 -26.79
CA THR A 563 -48.43 39.95 -25.45
C THR A 563 -47.52 40.94 -24.73
N PRO A 564 -48.06 41.68 -23.75
CA PRO A 564 -47.21 42.60 -22.98
C PRO A 564 -46.05 41.91 -22.28
N LEU A 565 -46.23 40.65 -21.87
CA LEU A 565 -45.12 39.91 -21.26
C LEU A 565 -44.00 39.69 -22.26
N GLY A 566 -44.35 39.38 -23.51
CA GLY A 566 -43.32 39.23 -24.53
C GLY A 566 -42.57 40.52 -24.81
N LYS A 567 -43.30 41.64 -24.82
CA LYS A 567 -42.65 42.94 -25.00
C LYS A 567 -41.72 43.25 -23.83
N THR A 568 -42.15 42.94 -22.61
CA THR A 568 -41.30 43.17 -21.44
C THR A 568 -40.04 42.30 -21.51
N LEU A 569 -40.19 41.04 -21.94
CA LEU A 569 -39.02 40.17 -22.08
C LEU A 569 -38.08 40.69 -23.15
N MET A 570 -38.62 41.16 -24.28
CA MET A 570 -37.77 41.70 -25.34
C MET A 570 -37.07 42.97 -24.88
N SER A 571 -37.72 43.76 -24.03
CA SER A 571 -37.09 45.00 -23.55
C SER A 571 -36.00 44.70 -22.54
N TRP A 572 -36.23 43.74 -21.64
CA TRP A 572 -35.24 43.40 -20.63
C TRP A 572 -34.16 42.45 -21.15
N ASP A 573 -34.30 41.93 -22.37
CA ASP A 573 -33.24 41.13 -22.97
C ASP A 573 -31.95 41.94 -23.09
N HIS A 574 -32.05 43.25 -23.32
CA HIS A 574 -30.86 44.09 -23.39
C HIS A 574 -30.14 44.11 -22.04
N VAL A 575 -30.90 44.31 -20.95
CA VAL A 575 -30.31 44.31 -19.62
C VAL A 575 -29.71 42.95 -19.31
N CYS A 576 -30.38 41.87 -19.74
CA CYS A 576 -29.86 40.53 -19.48
C CYS A 576 -28.53 40.31 -20.20
N ILE A 577 -28.45 40.71 -21.48
CA ILE A 577 -27.21 40.54 -22.21
C ILE A 577 -26.11 41.44 -21.65
N ALA A 578 -26.47 42.62 -21.15
CA ALA A 578 -25.47 43.48 -20.52
C ALA A 578 -24.94 42.86 -19.24
N LEU A 579 -25.82 42.29 -18.42
CA LEU A 579 -25.37 41.61 -17.21
C LEU A 579 -24.52 40.38 -17.54
N ALA A 580 -24.83 39.70 -18.65
CA ALA A 580 -24.02 38.56 -19.06
C ALA A 580 -22.64 39.01 -19.54
N SER A 581 -22.58 40.13 -20.27
CA SER A 581 -21.31 40.65 -20.74
C SER A 581 -20.48 41.23 -19.60
N ALA A 582 -21.12 41.67 -18.51
CA ALA A 582 -20.37 42.13 -17.34
C ALA A 582 -19.47 41.05 -16.76
N ASN A 583 -19.78 39.77 -17.01
CA ASN A 583 -18.90 38.70 -16.58
C ASN A 583 -17.54 38.78 -17.26
N SER A 584 -17.50 39.28 -18.51
CA SER A 584 -16.22 39.45 -19.20
C SER A 584 -15.32 40.43 -18.46
N CYS A 585 -15.90 41.41 -17.78
CA CYS A 585 -15.12 42.33 -16.95
C CYS A 585 -14.86 41.75 -15.57
N PHE A 586 -15.78 40.93 -15.06
CA PHE A 586 -15.60 40.32 -13.74
C PHE A 586 -14.64 39.15 -13.76
N ASN A 587 -14.22 38.68 -14.93
CA ASN A 587 -13.32 37.53 -15.00
C ASN A 587 -11.92 37.82 -14.48
N PRO A 588 -11.20 38.86 -14.96
CA PRO A 588 -9.82 39.04 -14.48
C PRO A 588 -9.72 39.40 -13.01
N PHE A 589 -10.76 40.02 -12.43
CA PHE A 589 -10.73 40.39 -11.02
C PHE A 589 -10.94 39.21 -10.09
N LEU A 590 -11.23 38.01 -10.62
CA LEU A 590 -11.46 36.84 -9.81
C LEU A 590 -10.55 35.66 -10.14
N TYR A 591 -9.83 35.71 -11.25
CA TYR A 591 -8.95 34.62 -11.64
C TYR A 591 -7.48 35.03 -11.70
N ALA A 592 -7.15 36.11 -12.39
CA ALA A 592 -5.76 36.50 -12.57
C ALA A 592 -5.24 37.42 -11.46
N LEU A 593 -6.07 38.36 -11.01
CA LEU A 593 -5.63 39.36 -10.03
C LEU A 593 -5.61 38.83 -8.61
N LEU A 594 -5.70 37.52 -8.40
CA LEU A 594 -5.64 36.95 -7.06
C LEU A 594 -4.30 36.29 -6.73
N GLY A 595 -3.50 35.95 -7.74
CA GLY A 595 -2.20 35.36 -7.48
C GLY A 595 -1.24 36.37 -6.89
N LYS A 596 -0.53 35.96 -5.84
CA LYS A 596 0.39 36.87 -5.16
C LYS A 596 1.55 37.26 -6.08
N ASP A 597 2.15 36.28 -6.75
CA ASP A 597 3.24 36.58 -7.68
C ASP A 597 2.74 37.42 -8.84
N PHE A 598 1.54 37.12 -9.35
CA PHE A 598 1.00 37.90 -10.45
C PHE A 598 0.68 39.32 -10.00
N ARG A 599 0.16 39.49 -8.78
CA ARG A 599 -0.06 40.83 -8.25
C ARG A 599 1.24 41.60 -8.10
N LYS A 600 2.30 40.93 -7.64
CA LYS A 600 3.59 41.60 -7.51
C LYS A 600 4.15 42.00 -8.87
N LYS A 601 4.00 41.13 -9.87
CA LYS A 601 4.47 41.47 -11.20
C LYS A 601 3.68 42.63 -11.79
N ALA A 602 2.37 42.65 -11.58
CA ALA A 602 1.55 43.76 -12.08
C ALA A 602 1.88 45.06 -11.36
N ARG A 603 2.21 44.99 -10.07
CA ARG A 603 2.57 46.19 -9.34
C ARG A 603 3.93 46.72 -9.80
N GLN A 604 4.90 45.83 -9.99
CA GLN A 604 6.20 46.26 -10.49
C GLN A 604 6.14 46.71 -11.94
N SER A 605 5.12 46.29 -12.69
CA SER A 605 5.00 46.71 -14.08
C SER A 605 4.67 48.20 -14.19
N ILE A 606 3.94 48.73 -13.21
CA ILE A 606 3.57 50.15 -13.22
C ILE A 606 4.66 50.98 -12.58
N SER B 1 0.82 -0.08 26.47
CA SER B 1 0.72 -1.42 25.89
C SER B 1 1.29 -1.44 24.47
N ASP B 2 1.62 -2.63 24.00
CA ASP B 2 2.17 -2.79 22.66
C ASP B 2 1.08 -2.67 21.61
N ILE B 3 1.42 -2.09 20.48
CA ILE B 3 0.47 -1.90 19.38
C ILE B 3 0.33 -3.24 18.65
N GLN B 4 -0.85 -3.84 18.74
CA GLN B 4 -1.11 -5.11 18.10
C GLN B 4 -1.33 -4.94 16.60
N MET B 5 -1.07 -6.01 15.86
CA MET B 5 -1.26 -6.02 14.41
C MET B 5 -1.84 -7.36 14.01
N THR B 6 -2.92 -7.32 13.21
CA THR B 6 -3.61 -8.52 12.76
C THR B 6 -3.51 -8.63 11.25
N GLN B 7 -3.18 -9.82 10.75
CA GLN B 7 -3.06 -10.08 9.33
C GLN B 7 -4.00 -11.23 8.98
N SER B 8 -5.14 -10.89 8.37
CA SER B 8 -6.13 -11.92 8.07
C SER B 8 -5.68 -12.89 6.97
N PRO B 9 -5.13 -12.44 5.82
CA PRO B 9 -4.72 -13.41 4.80
C PRO B 9 -3.50 -14.20 5.20
N SER B 10 -3.69 -15.23 6.04
CA SER B 10 -2.57 -16.07 6.44
C SER B 10 -2.04 -16.89 5.27
N SER B 11 -2.92 -17.45 4.45
CA SER B 11 -2.52 -18.22 3.29
C SER B 11 -3.62 -18.15 2.24
N LEU B 12 -3.23 -17.92 0.99
CA LEU B 12 -4.17 -17.83 -0.12
C LEU B 12 -3.56 -18.46 -1.36
N SER B 13 -4.42 -19.04 -2.19
CA SER B 13 -3.98 -19.69 -3.43
C SER B 13 -4.29 -18.80 -4.62
N ALA B 14 -3.39 -18.81 -5.60
CA ALA B 14 -3.55 -18.01 -6.81
C ALA B 14 -2.81 -18.71 -7.94
N SER B 15 -2.95 -18.15 -9.14
CA SER B 15 -2.32 -18.67 -10.34
C SER B 15 -1.37 -17.63 -10.93
N VAL B 16 -0.58 -18.07 -11.91
CA VAL B 16 0.36 -17.17 -12.56
C VAL B 16 -0.39 -16.14 -13.39
N GLY B 17 -0.09 -14.87 -13.16
CA GLY B 17 -0.73 -13.77 -13.85
C GLY B 17 -1.88 -13.13 -13.10
N ASP B 18 -2.46 -13.83 -12.13
CA ASP B 18 -3.57 -13.28 -11.37
C ASP B 18 -3.08 -12.27 -10.34
N ARG B 19 -3.99 -11.41 -9.90
CA ARG B 19 -3.68 -10.39 -8.91
C ARG B 19 -3.87 -10.93 -7.51
N VAL B 20 -3.06 -10.43 -6.58
CA VAL B 20 -3.09 -10.84 -5.18
C VAL B 20 -3.28 -9.61 -4.31
N THR B 21 -4.19 -9.71 -3.35
CA THR B 21 -4.48 -8.62 -2.43
C THR B 21 -4.24 -9.09 -1.01
N ILE B 22 -3.46 -8.31 -0.25
CA ILE B 22 -3.13 -8.63 1.14
C ILE B 22 -3.54 -7.43 1.99
N THR B 23 -4.43 -7.66 2.95
CA THR B 23 -4.91 -6.60 3.83
C THR B 23 -4.27 -6.73 5.20
N CYS B 24 -4.07 -5.58 5.85
CA CYS B 24 -3.48 -5.53 7.18
C CYS B 24 -4.13 -4.41 7.98
N ARG B 25 -4.29 -4.64 9.27
CA ARG B 25 -4.92 -3.68 10.17
C ARG B 25 -4.05 -3.49 11.41
N ALA B 26 -3.99 -2.25 11.89
CA ALA B 26 -3.21 -1.90 13.08
C ALA B 26 -4.14 -1.65 14.25
N SER B 27 -3.55 -1.57 15.44
CA SER B 27 -4.35 -1.34 16.65
C SER B 27 -4.80 0.10 16.74
N GLN B 28 -3.91 1.05 16.49
CA GLN B 28 -4.23 2.46 16.55
C GLN B 28 -3.52 3.16 15.40
N SER B 29 -3.48 4.50 15.46
CA SER B 29 -2.87 5.29 14.40
C SER B 29 -1.37 5.02 14.32
N VAL B 30 -0.90 4.64 13.13
CA VAL B 30 0.51 4.37 12.92
C VAL B 30 1.14 5.34 11.93
N SER B 31 0.36 6.08 11.14
CA SER B 31 0.86 7.08 10.20
C SER B 31 1.76 6.44 9.14
N SER B 32 1.22 5.42 8.48
CA SER B 32 1.88 4.74 7.35
C SER B 32 3.26 4.20 7.74
N ALA B 33 3.45 3.86 9.01
CA ALA B 33 4.72 3.29 9.46
C ALA B 33 4.66 1.77 9.42
N VAL B 34 4.30 1.25 8.25
CA VAL B 34 4.19 -0.19 8.01
C VAL B 34 4.89 -0.51 6.70
N ALA B 35 5.83 -1.45 6.74
CA ALA B 35 6.58 -1.89 5.58
C ALA B 35 6.32 -3.36 5.32
N TRP B 36 6.65 -3.80 4.11
CA TRP B 36 6.45 -5.19 3.69
C TRP B 36 7.79 -5.83 3.38
N TYR B 37 7.87 -7.13 3.65
CA TYR B 37 9.07 -7.91 3.42
C TYR B 37 8.71 -9.23 2.75
N GLN B 38 9.59 -9.71 1.88
CA GLN B 38 9.42 -10.97 1.19
C GLN B 38 10.54 -11.91 1.60
N GLN B 39 10.17 -13.11 2.06
CA GLN B 39 11.14 -14.11 2.50
C GLN B 39 10.83 -15.43 1.83
N LYS B 40 11.84 -16.02 1.18
CA LYS B 40 11.78 -17.33 0.56
C LYS B 40 12.12 -18.41 1.58
N PRO B 41 11.61 -19.62 1.41
CA PRO B 41 11.91 -20.71 2.35
C PRO B 41 13.39 -21.07 2.32
N GLY B 42 14.07 -20.82 3.43
CA GLY B 42 15.49 -21.10 3.53
C GLY B 42 16.41 -19.95 3.20
N LYS B 43 15.90 -18.72 3.13
CA LYS B 43 16.70 -17.56 2.82
C LYS B 43 16.28 -16.40 3.72
N ALA B 44 17.11 -15.36 3.72
CA ALA B 44 16.83 -14.17 4.52
C ALA B 44 15.77 -13.30 3.84
N PRO B 45 14.94 -12.62 4.63
CA PRO B 45 13.91 -11.75 4.04
C PRO B 45 14.53 -10.57 3.30
N LYS B 46 13.70 -9.96 2.46
CA LYS B 46 14.10 -8.77 1.71
C LYS B 46 12.91 -7.83 1.60
N LEU B 47 13.18 -6.53 1.68
CA LEU B 47 12.13 -5.53 1.62
C LEU B 47 11.66 -5.31 0.18
N LEU B 48 10.40 -4.94 0.04
CA LEU B 48 9.86 -4.57 -1.27
C LEU B 48 9.16 -3.22 -1.25
N ILE B 49 8.48 -2.86 -0.17
CA ILE B 49 7.74 -1.61 -0.08
C ILE B 49 7.89 -1.06 1.33
N TYR B 50 8.24 0.23 1.42
CA TYR B 50 8.32 0.92 2.70
C TYR B 50 7.36 2.10 2.69
N SER B 51 6.77 2.37 3.85
CA SER B 51 5.80 3.44 4.08
C SER B 51 4.52 3.26 3.25
N ALA B 52 4.35 2.12 2.60
CA ALA B 52 3.15 1.78 1.84
C ALA B 52 2.87 2.77 0.71
N SER B 53 3.87 3.60 0.38
CA SER B 53 3.70 4.58 -0.68
C SER B 53 4.88 4.68 -1.64
N SER B 54 6.09 4.28 -1.24
CA SER B 54 7.28 4.37 -2.07
C SER B 54 7.83 2.98 -2.36
N LEU B 55 8.32 2.79 -3.58
CA LEU B 55 8.90 1.52 -3.99
C LEU B 55 10.42 1.57 -3.84
N TYR B 56 10.99 0.52 -3.25
CA TYR B 56 12.42 0.47 -3.04
C TYR B 56 13.14 0.06 -4.33
N SER B 57 14.41 0.44 -4.40
CA SER B 57 15.21 0.16 -5.60
C SER B 57 15.44 -1.33 -5.77
N GLY B 58 15.47 -1.77 -7.03
CA GLY B 58 15.65 -3.16 -7.36
C GLY B 58 14.40 -4.02 -7.24
N VAL B 59 13.31 -3.48 -6.73
CA VAL B 59 12.06 -4.23 -6.59
C VAL B 59 11.22 -4.03 -7.84
N PRO B 60 10.64 -5.08 -8.41
CA PRO B 60 9.78 -4.91 -9.59
C PRO B 60 8.58 -4.04 -9.28
N SER B 61 8.12 -3.31 -10.30
CA SER B 61 7.02 -2.38 -10.16
C SER B 61 5.66 -3.07 -10.08
N ARG B 62 5.62 -4.41 -10.07
CA ARG B 62 4.35 -5.11 -9.98
C ARG B 62 3.69 -4.91 -8.61
N PHE B 63 4.48 -4.75 -7.56
CA PHE B 63 3.95 -4.56 -6.23
C PHE B 63 3.54 -3.12 -6.01
N SER B 64 2.41 -2.92 -5.32
CA SER B 64 1.94 -1.59 -4.98
C SER B 64 1.33 -1.61 -3.59
N GLY B 65 1.36 -0.45 -2.94
CA GLY B 65 0.83 -0.34 -1.60
C GLY B 65 -0.13 0.83 -1.49
N SER B 66 -1.14 0.66 -0.65
CA SER B 66 -2.12 1.71 -0.42
C SER B 66 -2.48 1.74 1.07
N ARG B 67 -2.85 2.93 1.54
CA ARG B 67 -3.18 3.16 2.94
C ARG B 67 -4.53 3.84 3.02
N SER B 68 -5.40 3.34 3.90
CA SER B 68 -6.73 3.92 4.13
C SER B 68 -6.97 3.95 5.63
N GLY B 69 -6.78 5.12 6.23
CA GLY B 69 -6.95 5.23 7.67
C GLY B 69 -5.91 4.42 8.41
N THR B 70 -6.36 3.36 9.09
CA THR B 70 -5.48 2.45 9.79
C THR B 70 -5.29 1.13 9.06
N ASP B 71 -5.77 1.02 7.82
CA ASP B 71 -5.68 -0.20 7.04
C ASP B 71 -4.65 -0.04 5.93
N PHE B 72 -3.99 -1.15 5.60
CA PHE B 72 -2.98 -1.18 4.55
C PHE B 72 -3.30 -2.31 3.59
N THR B 73 -3.01 -2.07 2.30
CA THR B 73 -3.31 -3.04 1.26
C THR B 73 -2.12 -3.17 0.32
N LEU B 74 -1.65 -4.40 0.14
CA LEU B 74 -0.57 -4.73 -0.78
C LEU B 74 -1.18 -5.43 -1.98
N THR B 75 -0.92 -4.91 -3.18
CA THR B 75 -1.51 -5.40 -4.41
C THR B 75 -0.41 -5.88 -5.36
N ILE B 76 -0.58 -7.08 -5.88
CA ILE B 76 0.32 -7.65 -6.89
C ILE B 76 -0.48 -7.84 -8.16
N SER B 77 -0.06 -7.16 -9.23
CA SER B 77 -0.82 -7.19 -10.48
C SER B 77 -0.73 -8.55 -11.14
N SER B 78 0.48 -9.03 -11.42
CA SER B 78 0.69 -10.30 -12.10
C SER B 78 1.78 -11.07 -11.39
N LEU B 79 1.49 -12.33 -11.07
CA LEU B 79 2.47 -13.18 -10.41
C LEU B 79 3.48 -13.71 -11.41
N GLN B 80 4.65 -14.08 -10.90
CA GLN B 80 5.74 -14.61 -11.69
C GLN B 80 6.29 -15.85 -11.00
N PRO B 81 6.94 -16.74 -11.75
CA PRO B 81 7.51 -17.95 -11.13
C PRO B 81 8.65 -17.67 -10.16
N GLU B 82 8.99 -16.41 -9.90
CA GLU B 82 10.11 -16.06 -9.03
C GLU B 82 9.70 -15.28 -7.79
N ASP B 83 8.41 -15.05 -7.56
CA ASP B 83 7.97 -14.29 -6.39
C ASP B 83 7.07 -15.10 -5.47
N PHE B 84 6.96 -16.41 -5.67
CA PHE B 84 6.16 -17.27 -4.80
C PHE B 84 6.94 -17.51 -3.51
N ALA B 85 6.65 -16.72 -2.49
CA ALA B 85 7.32 -16.83 -1.20
C ALA B 85 6.38 -16.31 -0.12
N THR B 86 6.91 -16.12 1.09
CA THR B 86 6.12 -15.62 2.20
C THR B 86 6.25 -14.11 2.30
N TYR B 87 5.16 -13.46 2.69
CA TYR B 87 5.11 -12.00 2.81
C TYR B 87 4.77 -11.63 4.24
N TYR B 88 5.58 -10.75 4.82
CA TYR B 88 5.39 -10.28 6.20
C TYR B 88 5.21 -8.77 6.20
N CYS B 89 4.55 -8.28 7.24
CA CYS B 89 4.35 -6.85 7.45
C CYS B 89 4.95 -6.46 8.80
N GLN B 90 5.66 -5.33 8.83
CA GLN B 90 6.34 -4.88 10.03
C GLN B 90 6.00 -3.42 10.30
N GLN B 91 5.64 -3.12 11.55
CA GLN B 91 5.46 -1.75 11.99
C GLN B 91 6.78 -1.21 12.50
N TYR B 92 7.20 -0.05 11.98
CA TYR B 92 8.47 0.57 12.33
C TYR B 92 8.25 2.00 12.80
N LEU B 93 7.22 2.20 13.64
CA LEU B 93 6.94 3.53 14.17
C LEU B 93 8.07 4.02 15.08
N TYR B 94 8.71 3.11 15.81
CA TYR B 94 9.81 3.48 16.69
C TYR B 94 10.71 2.26 16.87
N TYR B 95 11.88 2.49 17.47
CA TYR B 95 12.83 1.42 17.69
C TYR B 95 12.26 0.36 18.62
N SER B 96 11.59 0.78 19.69
CA SER B 96 11.02 -0.14 20.67
C SER B 96 9.55 -0.47 20.38
N LEU B 97 9.09 -0.24 19.14
CA LEU B 97 7.72 -0.53 18.76
C LEU B 97 7.64 -1.46 17.55
N VAL B 98 8.70 -2.23 17.29
CA VAL B 98 8.70 -3.12 16.14
C VAL B 98 7.75 -4.28 16.40
N THR B 99 6.82 -4.51 15.46
CA THR B 99 5.86 -5.58 15.58
C THR B 99 5.62 -6.19 14.20
N PHE B 100 5.71 -7.50 14.11
CA PHE B 100 5.55 -8.22 12.85
C PHE B 100 4.18 -8.89 12.78
N GLY B 101 3.74 -9.14 11.56
CA GLY B 101 2.47 -9.80 11.32
C GLY B 101 2.59 -11.31 11.36
N GLN B 102 1.46 -11.96 11.03
CA GLN B 102 1.42 -13.42 11.03
C GLN B 102 2.04 -14.03 9.78
N GLY B 103 2.15 -13.26 8.70
CA GLY B 103 2.73 -13.78 7.47
C GLY B 103 1.68 -14.23 6.48
N THR B 104 1.99 -14.06 5.20
CA THR B 104 1.08 -14.45 4.12
C THR B 104 1.84 -15.35 3.15
N LYS B 105 1.33 -16.57 2.95
CA LYS B 105 1.92 -17.52 2.04
C LYS B 105 1.07 -17.64 0.77
N VAL B 106 1.74 -17.84 -0.35
CA VAL B 106 1.08 -17.98 -1.65
C VAL B 106 1.48 -19.31 -2.26
N GLU B 107 0.55 -19.93 -2.99
CA GLU B 107 0.80 -21.21 -3.62
C GLU B 107 0.22 -21.20 -5.03
N ILE B 108 0.64 -22.18 -5.82
CA ILE B 108 0.20 -22.32 -7.22
C ILE B 108 -0.93 -23.34 -7.28
N LYS B 109 -1.97 -23.01 -8.03
CA LYS B 109 -3.09 -23.92 -8.20
C LYS B 109 -2.80 -24.95 -9.28
N ARG B 110 -3.40 -26.12 -9.14
CA ARG B 110 -3.21 -27.21 -10.08
C ARG B 110 -4.56 -27.85 -10.39
N THR B 111 -4.55 -28.80 -11.31
CA THR B 111 -5.76 -29.49 -11.73
C THR B 111 -6.16 -30.54 -10.69
N VAL B 112 -7.27 -31.23 -10.96
CA VAL B 112 -7.76 -32.24 -10.05
C VAL B 112 -6.87 -33.49 -10.12
N ALA B 113 -6.54 -34.04 -8.97
CA ALA B 113 -5.72 -35.23 -8.90
C ALA B 113 -6.08 -36.03 -7.65
N ALA B 114 -5.92 -37.35 -7.75
CA ALA B 114 -6.25 -38.25 -6.65
C ALA B 114 -4.98 -38.75 -5.99
N PRO B 115 -4.85 -38.64 -4.67
CA PRO B 115 -3.63 -39.08 -3.99
C PRO B 115 -3.60 -40.60 -3.85
N SER B 116 -2.52 -41.22 -4.33
CA SER B 116 -2.32 -42.66 -4.18
C SER B 116 -1.81 -42.91 -2.77
N VAL B 117 -2.72 -43.27 -1.87
CA VAL B 117 -2.38 -43.45 -0.46
C VAL B 117 -1.77 -44.83 -0.28
N PHE B 118 -0.62 -44.89 0.39
CA PHE B 118 0.03 -46.14 0.74
C PHE B 118 0.31 -46.16 2.23
N ILE B 119 0.46 -47.37 2.78
CA ILE B 119 0.73 -47.55 4.20
C ILE B 119 1.87 -48.57 4.35
N PHE B 120 2.78 -48.29 5.27
CA PHE B 120 3.93 -49.14 5.50
C PHE B 120 3.99 -49.56 6.97
N PRO B 121 3.95 -50.86 7.26
CA PRO B 121 4.01 -51.31 8.65
C PRO B 121 5.45 -51.42 9.12
N PRO B 122 5.68 -51.56 10.43
CA PRO B 122 7.04 -51.73 10.93
C PRO B 122 7.67 -53.02 10.43
N SER B 123 8.99 -53.00 10.30
CA SER B 123 9.75 -54.16 9.83
C SER B 123 10.19 -55.01 11.01
N ASP B 124 11.06 -56.00 10.72
CA ASP B 124 11.55 -56.86 11.78
C ASP B 124 12.51 -56.14 12.71
N SER B 125 13.28 -55.18 12.19
CA SER B 125 14.20 -54.42 13.03
C SER B 125 13.44 -53.58 14.06
N GLN B 126 12.23 -53.14 13.72
CA GLN B 126 11.40 -52.42 14.70
C GLN B 126 11.03 -53.34 15.86
N LEU B 127 10.65 -54.59 15.57
CA LEU B 127 10.32 -55.52 16.63
C LEU B 127 11.56 -55.92 17.43
N LYS B 128 12.72 -55.98 16.79
CA LYS B 128 13.94 -56.32 17.50
C LYS B 128 14.42 -55.18 18.40
N SER B 129 14.18 -53.94 17.99
CA SER B 129 14.62 -52.80 18.79
C SER B 129 13.71 -52.55 19.99
N GLY B 130 12.47 -53.04 19.96
CA GLY B 130 11.54 -52.87 21.05
C GLY B 130 10.44 -51.86 20.81
N THR B 131 10.56 -51.04 19.77
CA THR B 131 9.56 -50.03 19.45
C THR B 131 9.23 -50.10 17.97
N ALA B 132 7.94 -50.05 17.65
CA ALA B 132 7.46 -50.14 16.28
C ALA B 132 6.97 -48.78 15.81
N SER B 133 6.99 -48.57 14.49
CA SER B 133 6.55 -47.32 13.89
C SER B 133 5.92 -47.62 12.55
N VAL B 134 4.66 -47.23 12.38
CA VAL B 134 3.91 -47.47 11.15
C VAL B 134 3.63 -46.12 10.49
N VAL B 135 3.85 -46.06 9.17
CA VAL B 135 3.79 -44.80 8.44
C VAL B 135 2.77 -44.89 7.32
N CYS B 136 2.41 -43.73 6.79
CA CYS B 136 1.49 -43.60 5.66
C CYS B 136 1.97 -42.49 4.75
N LEU B 137 1.86 -42.71 3.45
CA LEU B 137 2.35 -41.80 2.42
C LEU B 137 1.19 -41.39 1.52
N LEU B 138 0.99 -40.08 1.38
CA LEU B 138 0.08 -39.50 0.40
C LEU B 138 0.92 -38.83 -0.67
N ASN B 139 0.78 -39.29 -1.92
CA ASN B 139 1.73 -38.92 -2.96
C ASN B 139 1.42 -37.55 -3.56
N ASN B 140 0.25 -37.39 -4.17
CA ASN B 140 -0.03 -36.22 -4.99
C ASN B 140 -1.40 -35.65 -4.61
N PHE B 141 -1.40 -34.48 -3.99
CA PHE B 141 -2.63 -33.75 -3.71
C PHE B 141 -2.37 -32.26 -3.86
N TYR B 142 -3.22 -31.58 -4.64
CA TYR B 142 -3.01 -30.19 -4.98
C TYR B 142 -3.43 -29.18 -3.90
N PRO B 143 -4.58 -29.34 -3.24
CA PRO B 143 -5.04 -28.26 -2.34
C PRO B 143 -4.32 -28.23 -1.00
N ARG B 144 -3.59 -29.28 -0.64
CA ARG B 144 -2.85 -29.39 0.61
C ARG B 144 -3.79 -29.35 1.82
N GLU B 145 -5.10 -29.42 1.58
CA GLU B 145 -6.10 -29.43 2.64
C GLU B 145 -6.71 -30.82 2.70
N ALA B 146 -6.24 -31.64 3.63
CA ALA B 146 -6.75 -32.99 3.79
C ALA B 146 -6.55 -33.44 5.23
N LYS B 147 -7.35 -34.41 5.65
CA LYS B 147 -7.28 -34.96 7.00
C LYS B 147 -7.07 -36.46 6.91
N VAL B 148 -6.08 -36.96 7.66
CA VAL B 148 -5.72 -38.37 7.65
C VAL B 148 -5.80 -38.88 9.08
N GLN B 149 -6.45 -40.04 9.26
CA GLN B 149 -6.62 -40.63 10.57
C GLN B 149 -6.22 -42.11 10.52
N TRP B 150 -6.05 -42.70 11.70
CA TRP B 150 -5.59 -44.07 11.83
C TRP B 150 -6.63 -44.90 12.56
N LYS B 151 -7.06 -45.98 11.91
CA LYS B 151 -8.01 -46.94 12.50
C LYS B 151 -7.19 -48.07 13.11
N VAL B 152 -7.02 -48.03 14.43
CA VAL B 152 -6.20 -49.00 15.14
C VAL B 152 -7.15 -50.06 15.70
N ASP B 153 -7.35 -51.13 14.91
CA ASP B 153 -8.20 -52.26 15.30
C ASP B 153 -9.62 -51.77 15.62
N ASN B 154 -10.28 -51.22 14.61
CA ASN B 154 -11.64 -50.71 14.72
C ASN B 154 -11.75 -49.62 15.79
N ALA B 155 -10.74 -48.76 15.86
CA ALA B 155 -10.72 -47.67 16.82
C ALA B 155 -9.89 -46.53 16.25
N LEU B 156 -10.43 -45.31 16.33
CA LEU B 156 -9.73 -44.13 15.83
C LEU B 156 -8.65 -43.71 16.82
N GLN B 157 -7.52 -43.25 16.28
CA GLN B 157 -6.40 -42.82 17.09
C GLN B 157 -5.84 -41.51 16.53
N SER B 158 -5.58 -40.57 17.42
CA SER B 158 -5.03 -39.27 17.02
C SER B 158 -4.19 -38.72 18.17
N GLY B 159 -3.47 -37.64 17.88
CA GLY B 159 -2.63 -37.01 18.88
C GLY B 159 -1.24 -37.60 18.96
N ASN B 160 -1.16 -38.93 19.15
CA ASN B 160 0.13 -39.58 19.24
C ASN B 160 0.88 -39.57 17.91
N SER B 161 0.14 -39.67 16.80
CA SER B 161 0.77 -39.67 15.49
C SER B 161 1.26 -38.26 15.13
N GLN B 162 2.22 -38.21 14.21
CA GLN B 162 2.79 -36.95 13.75
C GLN B 162 2.85 -36.96 12.23
N GLU B 163 2.47 -35.83 11.63
CA GLU B 163 2.41 -35.71 10.18
C GLU B 163 3.31 -34.57 9.70
N SER B 164 3.80 -34.71 8.48
CA SER B 164 4.59 -33.69 7.81
C SER B 164 4.16 -33.62 6.36
N VAL B 165 4.45 -32.47 5.73
CA VAL B 165 4.03 -32.25 4.35
C VAL B 165 5.09 -31.41 3.65
N THR B 166 5.43 -31.80 2.42
CA THR B 166 6.36 -31.02 1.61
C THR B 166 5.62 -29.98 0.80
N GLU B 167 6.30 -28.88 0.50
CA GLU B 167 5.71 -27.74 -0.18
C GLU B 167 6.57 -27.32 -1.36
N GLN B 168 5.93 -26.69 -2.35
CA GLN B 168 6.59 -26.10 -3.51
C GLN B 168 7.39 -27.16 -4.28
N ASP B 169 6.65 -28.14 -4.79
CA ASP B 169 7.26 -29.18 -5.61
C ASP B 169 7.75 -28.59 -6.92
N SER B 170 8.99 -28.90 -7.29
CA SER B 170 9.57 -28.32 -8.48
C SER B 170 9.10 -29.01 -9.75
N LYS B 171 8.54 -30.21 -9.63
CA LYS B 171 8.14 -30.98 -10.80
C LYS B 171 6.69 -30.72 -11.22
N ASP B 172 5.74 -30.97 -10.32
CA ASP B 172 4.32 -30.82 -10.63
C ASP B 172 3.61 -29.79 -9.76
N SER B 173 4.33 -29.06 -8.91
CA SER B 173 3.76 -28.06 -8.02
C SER B 173 2.70 -28.63 -7.07
N THR B 174 2.70 -29.94 -6.88
CA THR B 174 1.75 -30.60 -5.99
C THR B 174 2.37 -30.72 -4.60
N TYR B 175 1.75 -31.52 -3.74
CA TYR B 175 2.20 -31.71 -2.37
C TYR B 175 2.17 -33.17 -2.00
N SER B 176 3.07 -33.57 -1.10
CA SER B 176 3.14 -34.93 -0.58
C SER B 176 3.14 -34.88 0.94
N LEU B 177 2.55 -35.91 1.55
CA LEU B 177 2.38 -35.96 2.99
C LEU B 177 2.87 -37.29 3.54
N SER B 178 3.43 -37.24 4.74
CA SER B 178 3.94 -38.42 5.43
C SER B 178 3.47 -38.39 6.87
N SER B 179 2.66 -39.36 7.25
CA SER B 179 2.24 -39.52 8.63
C SER B 179 2.95 -40.72 9.25
N THR B 180 3.16 -40.66 10.56
CA THR B 180 3.89 -41.73 11.24
C THR B 180 3.42 -41.80 12.69
N LEU B 181 3.14 -43.01 13.17
CA LEU B 181 2.83 -43.20 14.58
C LEU B 181 3.71 -44.32 15.14
N THR B 182 4.23 -44.08 16.34
CA THR B 182 5.15 -44.99 17.01
C THR B 182 4.51 -45.54 18.27
N LEU B 183 4.70 -46.83 18.53
CA LEU B 183 4.18 -47.50 19.70
C LEU B 183 5.21 -48.49 20.21
N SER B 184 4.91 -49.12 21.34
CA SER B 184 5.77 -50.14 21.91
C SER B 184 5.53 -51.48 21.20
N LYS B 185 6.41 -52.43 21.49
CA LYS B 185 6.27 -53.76 20.89
C LYS B 185 5.04 -54.47 21.41
N ALA B 186 4.78 -54.40 22.72
CA ALA B 186 3.60 -55.03 23.29
C ALA B 186 2.33 -54.31 22.88
N ASP B 187 2.42 -53.00 22.63
CA ASP B 187 1.26 -52.24 22.18
C ASP B 187 0.94 -52.45 20.71
N TYR B 188 1.90 -52.94 19.93
CA TYR B 188 1.69 -53.22 18.51
C TYR B 188 1.36 -54.68 18.24
N GLU B 189 1.99 -55.61 18.96
CA GLU B 189 1.72 -57.02 18.74
C GLU B 189 0.35 -57.44 19.24
N LYS B 190 -0.24 -56.68 20.17
CA LYS B 190 -1.54 -57.03 20.73
C LYS B 190 -2.67 -56.85 19.72
N HIS B 191 -2.45 -56.10 18.65
CA HIS B 191 -3.45 -55.87 17.62
C HIS B 191 -3.10 -56.65 16.36
N LYS B 192 -4.13 -56.95 15.57
CA LYS B 192 -3.99 -57.77 14.37
C LYS B 192 -4.26 -57.01 13.08
N VAL B 193 -5.21 -56.09 13.07
CA VAL B 193 -5.58 -55.35 11.88
C VAL B 193 -5.34 -53.86 12.13
N TYR B 194 -4.76 -53.18 11.13
CA TYR B 194 -4.58 -51.74 11.17
C TYR B 194 -5.11 -51.15 9.88
N ALA B 195 -5.44 -49.85 9.92
CA ALA B 195 -5.94 -49.17 8.73
C ALA B 195 -5.62 -47.69 8.82
N CYS B 196 -5.63 -47.03 7.67
CA CYS B 196 -5.41 -45.60 7.58
C CYS B 196 -6.46 -45.02 6.64
N GLU B 197 -7.20 -44.03 7.13
CA GLU B 197 -8.26 -43.37 6.38
C GLU B 197 -7.83 -41.98 5.95
N VAL B 198 -8.20 -41.61 4.73
CA VAL B 198 -7.90 -40.30 4.16
C VAL B 198 -9.20 -39.67 3.69
N THR B 199 -9.43 -38.42 4.09
CA THR B 199 -10.65 -37.70 3.73
C THR B 199 -10.33 -36.50 2.84
N HIS B 200 -9.45 -36.71 1.86
CA HIS B 200 -9.06 -35.63 0.96
C HIS B 200 -10.27 -35.06 0.24
N GLN B 201 -10.24 -33.75 0.00
CA GLN B 201 -11.38 -33.07 -0.62
C GLN B 201 -11.57 -33.51 -2.07
N GLY B 202 -10.48 -33.76 -2.79
CA GLY B 202 -10.56 -34.18 -4.17
C GLY B 202 -11.04 -35.60 -4.41
N LEU B 203 -11.40 -36.32 -3.34
CA LEU B 203 -11.88 -37.69 -3.44
C LEU B 203 -13.37 -37.74 -3.13
N SER B 204 -14.09 -38.60 -3.85
CA SER B 204 -15.53 -38.73 -3.65
C SER B 204 -15.87 -39.38 -2.31
N SER B 205 -14.96 -40.17 -1.75
CA SER B 205 -15.19 -40.85 -0.48
C SER B 205 -13.85 -41.04 0.22
N PRO B 206 -13.84 -41.08 1.55
CA PRO B 206 -12.58 -41.33 2.27
C PRO B 206 -12.00 -42.68 1.90
N VAL B 207 -10.75 -42.68 1.45
CA VAL B 207 -10.06 -43.88 0.99
C VAL B 207 -9.38 -44.53 2.18
N THR B 208 -9.53 -45.85 2.30
CA THR B 208 -8.96 -46.62 3.40
C THR B 208 -7.92 -47.59 2.87
N LYS B 209 -6.79 -47.66 3.57
CA LYS B 209 -5.74 -48.63 3.28
C LYS B 209 -5.45 -49.42 4.55
N SER B 210 -5.72 -50.72 4.51
CA SER B 210 -5.64 -51.56 5.69
C SER B 210 -4.70 -52.73 5.46
N PHE B 211 -4.23 -53.31 6.56
CA PHE B 211 -3.38 -54.49 6.51
C PHE B 211 -3.56 -55.30 7.78
N ASN B 212 -3.50 -56.62 7.62
CA ASN B 212 -3.64 -57.56 8.73
C ASN B 212 -2.26 -58.06 9.15
N ARG B 213 -1.95 -57.94 10.44
CA ARG B 213 -0.67 -58.40 10.95
C ARG B 213 -0.65 -59.93 11.00
N GLY B 214 0.38 -60.52 10.39
CA GLY B 214 0.51 -61.96 10.36
C GLY B 214 -0.46 -62.64 9.42
N SER C 3 32.38 -3.55 -2.16
CA SER C 3 31.20 -4.40 -2.03
C SER C 3 30.04 -3.61 -1.46
N GLU C 4 28.85 -4.20 -1.49
CA GLU C 4 27.64 -3.57 -0.99
C GLU C 4 27.51 -3.83 0.52
N VAL C 5 26.37 -3.42 1.07
CA VAL C 5 26.12 -3.60 2.49
C VAL C 5 25.89 -5.08 2.78
N GLN C 6 26.66 -5.61 3.73
CA GLN C 6 26.57 -7.02 4.10
C GLN C 6 26.66 -7.14 5.61
N LEU C 7 25.91 -8.12 6.15
CA LEU C 7 25.90 -8.40 7.58
C LEU C 7 26.13 -9.89 7.78
N VAL C 8 27.12 -10.25 8.59
CA VAL C 8 27.52 -11.63 8.80
C VAL C 8 27.36 -11.96 10.29
N GLU C 9 26.87 -13.16 10.57
CA GLU C 9 26.72 -13.66 11.93
C GLU C 9 27.67 -14.83 12.15
N SER C 10 28.12 -14.99 13.40
CA SER C 10 29.03 -16.07 13.75
C SER C 10 28.67 -16.73 15.07
N GLY C 11 27.43 -16.58 15.55
CA GLY C 11 27.03 -17.16 16.81
C GLY C 11 26.11 -18.35 16.66
N GLY C 12 26.12 -18.98 15.50
CA GLY C 12 25.27 -20.13 15.27
C GLY C 12 25.79 -21.38 15.97
N GLY C 13 24.87 -22.21 16.42
CA GLY C 13 25.23 -23.43 17.09
C GLY C 13 24.12 -23.89 18.02
N LEU C 14 24.47 -24.86 18.87
CA LEU C 14 23.55 -25.45 19.82
C LEU C 14 24.07 -25.24 21.24
N VAL C 15 23.14 -25.07 22.18
CA VAL C 15 23.46 -24.83 23.59
C VAL C 15 22.57 -25.72 24.46
N GLN C 16 22.81 -25.63 25.76
CA GLN C 16 22.06 -26.35 26.78
C GLN C 16 21.01 -25.45 27.41
N PRO C 17 20.01 -26.01 28.09
CA PRO C 17 19.03 -25.17 28.78
C PRO C 17 19.69 -24.28 29.81
N GLY C 18 19.60 -22.97 29.58
CA GLY C 18 20.28 -22.00 30.43
C GLY C 18 21.64 -21.66 29.87
N GLY C 19 22.65 -21.65 30.73
CA GLY C 19 24.00 -21.38 30.27
C GLY C 19 24.16 -19.96 29.77
N SER C 20 24.98 -19.80 28.74
CA SER C 20 25.23 -18.49 28.16
C SER C 20 25.68 -18.67 26.72
N LEU C 21 25.44 -17.63 25.91
CA LEU C 21 25.84 -17.64 24.51
C LEU C 21 26.11 -16.20 24.08
N ARG C 22 26.99 -16.06 23.08
CA ARG C 22 27.38 -14.75 22.57
C ARG C 22 27.26 -14.76 21.05
N LEU C 23 26.33 -13.96 20.53
CA LEU C 23 26.14 -13.81 19.09
C LEU C 23 26.84 -12.55 18.61
N SER C 24 27.48 -12.65 17.44
CA SER C 24 28.23 -11.55 16.86
C SER C 24 27.61 -11.13 15.54
N CYS C 25 27.73 -9.85 15.23
CA CYS C 25 27.21 -9.28 13.99
C CYS C 25 28.27 -8.35 13.41
N ALA C 26 28.85 -8.75 12.29
CA ALA C 26 29.88 -7.95 11.61
C ALA C 26 29.29 -7.31 10.37
N ALA C 27 29.52 -6.00 10.23
CA ALA C 27 29.01 -5.23 9.10
C ALA C 27 30.13 -4.95 8.10
N SER C 28 29.75 -4.84 6.83
CA SER C 28 30.69 -4.54 5.76
C SER C 28 30.02 -3.63 4.75
N GLY C 29 30.76 -2.62 4.30
CA GLY C 29 30.26 -1.67 3.33
C GLY C 29 29.77 -0.36 3.91
N PHE C 30 29.68 -0.25 5.23
CA PHE C 30 29.23 0.98 5.87
C PHE C 30 29.79 1.03 7.28
N ASN C 31 29.58 2.17 7.93
CA ASN C 31 30.05 2.39 9.30
C ASN C 31 28.90 2.20 10.28
N VAL C 32 29.18 1.50 11.38
CA VAL C 32 28.16 1.24 12.39
C VAL C 32 27.93 2.45 13.30
N VAL C 33 28.76 3.50 13.19
CA VAL C 33 28.60 4.66 14.04
C VAL C 33 27.35 5.45 13.67
N ASP C 34 26.88 5.22 12.43
CA ASP C 34 25.69 5.92 11.92
C ASP C 34 24.39 5.20 11.53
N PHE C 35 24.19 3.95 11.95
CA PHE C 35 22.98 3.15 11.64
C PHE C 35 22.68 2.27 12.84
N SER C 36 21.44 2.19 13.31
CA SER C 36 21.16 1.45 14.52
C SER C 36 20.96 -0.02 14.27
N LEU C 37 21.48 -0.91 15.13
CA LEU C 37 21.37 -2.33 14.90
C LEU C 37 20.36 -3.01 15.78
N HIS C 38 19.51 -3.81 15.17
CA HIS C 38 18.48 -4.50 15.87
C HIS C 38 18.60 -5.98 15.65
N TRP C 39 17.79 -6.80 16.29
CA TRP C 39 17.74 -8.25 16.18
C TRP C 39 16.29 -8.71 16.07
N VAL C 40 16.06 -9.69 15.19
CA VAL C 40 14.72 -10.23 14.94
C VAL C 40 14.80 -11.75 14.95
N ARG C 41 13.92 -12.38 15.74
CA ARG C 41 13.85 -13.82 15.80
C ARG C 41 12.87 -14.37 14.77
N GLN C 42 13.03 -15.65 14.45
CA GLN C 42 12.11 -16.34 13.55
C GLN C 42 12.16 -17.82 13.88
N ALA C 43 11.15 -18.30 14.60
CA ALA C 43 11.06 -19.72 14.92
C ALA C 43 10.79 -20.53 13.65
N PRO C 44 11.25 -21.79 13.59
CA PRO C 44 10.99 -22.61 12.41
C PRO C 44 9.50 -22.87 12.23
N GLY C 45 8.94 -22.32 11.16
CA GLY C 45 7.51 -22.45 10.91
C GLY C 45 6.66 -21.39 11.58
N LYS C 46 7.25 -20.27 11.99
CA LYS C 46 6.54 -19.18 12.65
C LYS C 46 6.94 -17.86 12.01
N GLY C 47 6.38 -16.77 12.54
CA GLY C 47 6.66 -15.45 12.02
C GLY C 47 7.84 -14.78 12.70
N LEU C 48 8.10 -13.54 12.28
CA LEU C 48 9.21 -12.77 12.82
C LEU C 48 8.82 -12.16 14.16
N GLU C 49 9.85 -11.79 14.93
CA GLU C 49 9.63 -11.19 16.25
C GLU C 49 10.86 -10.36 16.61
N TRP C 50 10.62 -9.11 17.03
CA TRP C 50 11.71 -8.22 17.39
C TRP C 50 12.34 -8.66 18.71
N VAL C 51 13.67 -8.59 18.79
CA VAL C 51 14.43 -9.05 19.94
C VAL C 51 14.98 -7.89 20.75
N ALA C 52 15.86 -7.09 20.15
CA ALA C 52 16.53 -6.02 20.87
C ALA C 52 17.08 -5.01 19.88
N TYR C 53 17.44 -3.82 20.44
CA TYR C 53 17.97 -2.69 19.67
C TYR C 53 19.12 -2.02 20.39
N ILE C 54 20.20 -1.74 19.69
CA ILE C 54 21.36 -1.06 20.27
C ILE C 54 21.71 0.14 19.37
N SER C 55 21.96 1.28 20.00
CA SER C 55 22.36 2.50 19.30
C SER C 55 23.83 2.76 19.56
N SER C 56 24.62 2.88 18.49
CA SER C 56 26.06 3.05 18.64
C SER C 56 26.41 4.48 19.02
N SER C 57 25.77 5.46 18.40
CA SER C 57 26.07 6.87 18.64
C SER C 57 25.13 7.51 19.65
N SER C 58 24.36 6.71 20.38
CA SER C 58 23.45 7.23 21.40
C SER C 58 23.55 6.53 22.74
N GLY C 59 24.00 5.27 22.79
CA GLY C 59 24.12 4.54 24.03
C GLY C 59 22.85 3.92 24.55
N SER C 60 21.69 4.35 24.07
CA SER C 60 20.43 3.80 24.55
C SER C 60 20.22 2.40 24.00
N THR C 61 19.68 1.53 24.85
CA THR C 61 19.39 0.15 24.48
C THR C 61 17.91 -0.13 24.70
N SER C 62 17.41 -1.17 24.01
CA SER C 62 16.03 -1.58 24.17
C SER C 62 15.92 -3.08 23.98
N TYR C 63 15.02 -3.70 24.72
CA TYR C 63 14.80 -5.15 24.65
C TYR C 63 13.31 -5.43 24.60
N ALA C 64 12.98 -6.60 24.08
CA ALA C 64 11.58 -7.03 24.02
C ALA C 64 11.06 -7.32 25.42
N ASP C 65 9.73 -7.33 25.55
CA ASP C 65 9.11 -7.53 26.86
C ASP C 65 9.40 -8.92 27.42
N SER C 66 9.60 -9.90 26.55
CA SER C 66 9.82 -11.28 26.98
C SER C 66 11.30 -11.60 27.19
N VAL C 67 12.21 -10.65 26.98
CA VAL C 67 13.64 -10.88 27.13
C VAL C 67 14.29 -9.90 28.10
N LYS C 68 13.48 -9.14 28.85
CA LYS C 68 14.04 -8.19 29.80
C LYS C 68 14.66 -8.90 30.99
N GLY C 69 15.79 -8.39 31.46
CA GLY C 69 16.48 -8.95 32.59
C GLY C 69 17.27 -10.21 32.31
N ARG C 70 17.31 -10.68 31.08
CA ARG C 70 18.04 -11.89 30.73
C ARG C 70 19.09 -11.68 29.65
N PHE C 71 18.82 -10.83 28.67
CA PHE C 71 19.74 -10.60 27.56
C PHE C 71 20.46 -9.27 27.74
N THR C 72 21.56 -9.12 27.01
CA THR C 72 22.33 -7.88 26.99
C THR C 72 22.85 -7.65 25.57
N ILE C 73 22.90 -6.38 25.17
CA ILE C 73 23.33 -6.03 23.82
C ILE C 73 24.34 -4.89 23.91
N SER C 74 25.30 -4.91 22.98
CA SER C 74 26.34 -3.89 22.96
C SER C 74 26.89 -3.78 21.55
N ALA C 75 27.71 -2.74 21.33
CA ALA C 75 28.33 -2.50 20.03
C ALA C 75 29.75 -2.01 20.24
N ASP C 76 30.57 -2.18 19.21
CA ASP C 76 31.96 -1.74 19.20
C ASP C 76 32.25 -1.04 17.89
N THR C 77 32.54 0.26 17.96
CA THR C 77 32.84 1.06 16.79
C THR C 77 34.29 0.91 16.31
N SER C 78 35.14 0.24 17.08
CA SER C 78 36.51 0.00 16.63
C SER C 78 36.53 -0.95 15.45
N LYS C 79 35.92 -2.13 15.60
CA LYS C 79 35.79 -3.09 14.52
C LYS C 79 34.42 -3.09 13.88
N ASN C 80 33.52 -2.21 14.34
CA ASN C 80 32.15 -2.12 13.83
C ASN C 80 31.43 -3.48 13.95
N THR C 81 31.28 -3.93 15.20
CA THR C 81 30.71 -5.23 15.47
C THR C 81 29.72 -5.15 16.62
N ALA C 82 28.54 -5.73 16.43
CA ALA C 82 27.53 -5.79 17.47
C ALA C 82 27.60 -7.14 18.19
N TYR C 83 27.30 -7.13 19.49
CA TYR C 83 27.37 -8.32 20.31
C TYR C 83 26.09 -8.48 21.12
N LEU C 84 25.61 -9.71 21.21
CA LEU C 84 24.39 -10.04 21.95
C LEU C 84 24.70 -11.19 22.89
N GLN C 85 24.72 -10.91 24.20
CA GLN C 85 24.95 -11.93 25.21
C GLN C 85 23.61 -12.41 25.75
N MET C 86 23.31 -13.68 25.50
CA MET C 86 22.06 -14.29 25.95
C MET C 86 22.33 -15.25 27.10
N ASN C 87 21.52 -15.16 28.14
CA ASN C 87 21.64 -16.00 29.32
C ASN C 87 20.28 -16.56 29.69
N SER C 88 20.30 -17.70 30.39
CA SER C 88 19.09 -18.39 30.82
C SER C 88 18.17 -18.69 29.64
N LEU C 89 18.73 -19.34 28.62
CA LEU C 89 17.97 -19.66 27.43
C LEU C 89 16.99 -20.81 27.70
N ARG C 90 15.85 -20.77 27.02
CA ARG C 90 14.82 -21.78 27.12
C ARG C 90 14.47 -22.29 25.72
N ALA C 91 13.48 -23.18 25.66
CA ALA C 91 13.08 -23.75 24.38
C ALA C 91 12.42 -22.73 23.46
N GLU C 92 11.94 -21.62 24.01
CA GLU C 92 11.29 -20.60 23.18
C GLU C 92 12.30 -19.83 22.36
N ASP C 93 13.55 -19.71 22.85
CA ASP C 93 14.57 -18.93 22.17
C ASP C 93 15.23 -19.67 21.02
N THR C 94 14.80 -20.90 20.73
CA THR C 94 15.37 -21.67 19.62
C THR C 94 14.81 -21.14 18.32
N ALA C 95 15.62 -20.36 17.60
CA ALA C 95 15.17 -19.74 16.36
C ALA C 95 16.38 -19.26 15.58
N VAL C 96 16.11 -18.65 14.43
CA VAL C 96 17.14 -18.08 13.57
C VAL C 96 17.14 -16.56 13.78
N TYR C 97 18.17 -16.07 14.44
CA TYR C 97 18.33 -14.64 14.68
C TYR C 97 18.83 -13.95 13.41
N TYR C 98 18.24 -12.79 13.11
CA TYR C 98 18.62 -11.98 11.98
C TYR C 98 18.96 -10.57 12.47
N CYS C 99 20.01 -9.99 11.91
CA CYS C 99 20.46 -8.65 12.27
C CYS C 99 20.08 -7.68 11.16
N ALA C 100 19.62 -6.50 11.55
CA ALA C 100 19.22 -5.46 10.60
C ALA C 100 19.70 -4.11 11.12
N ARG C 101 19.52 -3.10 10.25
CA ARG C 101 19.95 -1.73 10.50
C ARG C 101 18.93 -0.70 10.13
N TRP C 102 18.38 0.05 11.06
CA TRP C 102 17.44 1.12 10.76
C TRP C 102 18.09 2.43 11.08
N GLY C 103 17.93 3.40 10.20
CA GLY C 103 18.58 4.68 10.35
C GLY C 103 18.20 5.75 11.33
N TYR C 104 18.46 7.00 10.98
CA TYR C 104 18.24 8.13 11.88
C TYR C 104 17.17 9.06 11.31
N TRP C 105 16.39 9.64 12.21
CA TRP C 105 15.26 10.47 11.80
C TRP C 105 15.64 11.65 10.91
N PRO C 106 16.72 12.39 11.16
CA PRO C 106 17.07 13.48 10.22
C PRO C 106 17.54 12.96 8.88
N GLY C 107 16.61 12.47 8.07
CA GLY C 107 16.93 11.95 6.76
C GLY C 107 15.95 10.92 6.24
N GLU C 108 16.15 10.51 4.99
CA GLU C 108 15.32 9.51 4.33
C GLU C 108 15.54 8.08 4.84
N PRO C 109 16.80 7.66 5.15
CA PRO C 109 17.00 6.27 5.61
C PRO C 109 16.14 5.84 6.80
N TRP C 110 15.56 6.80 7.54
CA TRP C 110 14.68 6.44 8.64
C TRP C 110 13.41 5.76 8.14
N TRP C 111 12.74 6.39 7.16
CA TRP C 111 11.52 5.82 6.62
C TRP C 111 11.75 4.54 5.84
N LYS C 112 13.00 4.25 5.46
CA LYS C 112 13.28 3.03 4.72
C LYS C 112 13.19 1.81 5.63
N ALA C 113 12.81 0.68 5.03
CA ALA C 113 12.69 -0.57 5.77
C ALA C 113 14.04 -1.22 5.95
N PHE C 114 14.06 -2.47 6.41
CA PHE C 114 15.32 -3.22 6.60
C PHE C 114 15.87 -3.53 5.21
N ASP C 115 16.66 -2.59 4.69
CA ASP C 115 17.19 -2.70 3.33
C ASP C 115 18.19 -3.83 3.18
N TYR C 116 18.82 -4.26 4.27
CA TYR C 116 19.81 -5.33 4.22
C TYR C 116 19.67 -6.20 5.45
N TRP C 117 19.45 -7.50 5.24
CA TRP C 117 19.33 -8.48 6.30
C TRP C 117 20.61 -9.29 6.40
N GLY C 118 20.83 -9.88 7.58
CA GLY C 118 21.98 -10.72 7.80
C GLY C 118 21.78 -12.12 7.24
N GLN C 119 22.83 -12.93 7.40
CA GLN C 119 22.78 -14.31 6.92
C GLN C 119 21.90 -15.20 7.80
N GLY C 120 21.73 -14.84 9.08
CA GLY C 120 20.92 -15.63 9.99
C GLY C 120 21.72 -16.65 10.77
N THR C 121 21.61 -16.59 12.10
CA THR C 121 22.33 -17.49 12.99
C THR C 121 21.33 -18.35 13.75
N LEU C 122 21.49 -19.67 13.62
CA LEU C 122 20.58 -20.62 14.24
C LEU C 122 21.01 -20.88 15.69
N VAL C 123 20.13 -20.57 16.64
CA VAL C 123 20.39 -20.78 18.06
C VAL C 123 19.32 -21.75 18.56
N THR C 124 19.73 -22.96 18.91
CA THR C 124 18.83 -23.98 19.41
C THR C 124 19.34 -24.52 20.74
N VAL C 125 18.41 -25.01 21.55
CA VAL C 125 18.73 -25.61 22.84
C VAL C 125 18.76 -27.12 22.65
N SER C 126 19.88 -27.74 23.03
CA SER C 126 20.05 -29.18 22.81
C SER C 126 19.18 -29.99 23.77
N SER C 127 19.42 -29.84 25.08
CA SER C 127 18.74 -30.60 26.12
C SER C 127 18.87 -32.10 25.93
N ALA C 128 19.87 -32.53 25.17
CA ALA C 128 20.09 -33.95 24.87
C ALA C 128 21.53 -34.10 24.36
N SER C 129 21.83 -35.27 23.81
CA SER C 129 23.15 -35.55 23.27
C SER C 129 23.02 -36.32 21.97
N THR C 130 24.11 -36.37 21.21
CA THR C 130 24.13 -37.11 19.96
C THR C 130 24.06 -38.61 20.22
N LYS C 131 23.16 -39.28 19.51
CA LYS C 131 22.95 -40.71 19.69
C LYS C 131 23.23 -41.53 18.43
N GLY C 132 22.94 -40.99 17.24
CA GLY C 132 23.14 -41.72 16.02
C GLY C 132 21.82 -42.22 15.44
N PRO C 133 21.61 -42.00 14.16
CA PRO C 133 20.35 -42.40 13.53
C PRO C 133 20.27 -43.90 13.29
N SER C 134 19.04 -44.41 13.33
CA SER C 134 18.75 -45.80 13.04
C SER C 134 17.86 -45.86 11.81
N VAL C 135 18.20 -46.75 10.88
CA VAL C 135 17.52 -46.83 9.59
C VAL C 135 16.66 -48.09 9.57
N PHE C 136 15.48 -47.98 8.97
CA PHE C 136 14.54 -49.09 8.88
C PHE C 136 13.84 -49.05 7.51
N PRO C 137 13.73 -50.18 6.83
CA PRO C 137 13.07 -50.18 5.52
C PRO C 137 11.55 -50.13 5.65
N LEU C 138 10.91 -49.77 4.53
CA LEU C 138 9.46 -49.67 4.47
C LEU C 138 9.01 -50.19 3.11
N ALA C 139 8.32 -51.31 3.12
CA ALA C 139 7.87 -51.99 1.90
C ALA C 139 6.43 -52.45 2.12
N PRO C 140 5.69 -52.70 1.04
CA PRO C 140 4.32 -53.20 1.19
C PRO C 140 4.29 -54.53 1.94
N SER C 141 3.18 -54.77 2.64
CA SER C 141 3.07 -55.93 3.52
C SER C 141 2.83 -57.21 2.74
N SER C 142 1.71 -57.31 2.05
CA SER C 142 1.36 -58.54 1.35
C SER C 142 1.06 -58.33 -0.12
N LYS C 143 0.41 -57.23 -0.48
CA LYS C 143 0.04 -57.00 -1.87
C LYS C 143 -0.34 -55.53 -2.04
N SER C 144 -0.10 -55.00 -3.24
CA SER C 144 -0.47 -53.64 -3.60
C SER C 144 -1.49 -53.59 -4.73
N THR C 145 -1.25 -54.34 -5.80
CA THR C 145 -2.15 -54.41 -6.96
C THR C 145 -2.43 -53.02 -7.53
N SER C 146 -1.43 -52.14 -7.48
CA SER C 146 -1.56 -50.78 -7.99
C SER C 146 -1.01 -50.64 -9.40
N GLY C 147 -0.67 -51.74 -10.06
CA GLY C 147 -0.13 -51.66 -11.41
C GLY C 147 1.33 -51.27 -11.40
N GLY C 148 1.68 -50.28 -12.21
CA GLY C 148 3.06 -49.83 -12.30
C GLY C 148 3.39 -48.67 -11.39
N THR C 149 2.65 -48.55 -10.28
CA THR C 149 2.86 -47.49 -9.30
C THR C 149 3.01 -48.14 -7.92
N ALA C 150 4.25 -48.51 -7.58
CA ALA C 150 4.57 -49.07 -6.29
C ALA C 150 5.22 -48.00 -5.42
N ALA C 151 5.69 -48.39 -4.24
CA ALA C 151 6.33 -47.46 -3.33
C ALA C 151 7.23 -48.22 -2.36
N LEU C 152 8.42 -47.68 -2.11
CA LEU C 152 9.35 -48.27 -1.16
C LEU C 152 10.18 -47.15 -0.57
N GLY C 153 10.46 -47.24 0.73
CA GLY C 153 11.14 -46.15 1.40
C GLY C 153 12.03 -46.60 2.53
N CYS C 154 12.70 -45.63 3.15
CA CYS C 154 13.57 -45.86 4.28
C CYS C 154 13.37 -44.75 5.30
N LEU C 155 13.29 -45.13 6.58
CA LEU C 155 13.00 -44.21 7.67
C LEU C 155 14.20 -44.18 8.61
N VAL C 156 14.76 -42.98 8.80
CA VAL C 156 15.81 -42.75 9.77
C VAL C 156 15.18 -42.11 11.00
N LYS C 157 15.61 -42.54 12.18
CA LYS C 157 14.99 -42.12 13.42
C LYS C 157 16.05 -41.94 14.50
N ASP C 158 15.73 -41.10 15.48
CA ASP C 158 16.58 -40.88 16.67
C ASP C 158 17.94 -40.29 16.28
N TYR C 159 17.89 -39.13 15.62
CA TYR C 159 19.08 -38.37 15.28
C TYR C 159 18.87 -36.92 15.68
N PHE C 160 19.81 -36.36 16.44
CA PHE C 160 19.67 -35.01 16.95
C PHE C 160 20.01 -33.93 15.91
N PRO C 161 21.15 -34.02 15.21
CA PRO C 161 21.47 -32.96 14.24
C PRO C 161 20.45 -32.88 13.12
N GLU C 162 20.32 -31.68 12.54
CA GLU C 162 19.30 -31.46 11.51
C GLU C 162 19.70 -32.05 10.16
N PRO C 163 20.86 -31.75 9.58
CA PRO C 163 21.13 -32.22 8.22
C PRO C 163 21.40 -33.72 8.18
N VAL C 164 20.97 -34.33 7.08
CA VAL C 164 21.18 -35.76 6.84
C VAL C 164 21.06 -36.00 5.34
N THR C 165 21.95 -36.83 4.81
CA THR C 165 21.98 -37.14 3.39
C THR C 165 21.48 -38.54 3.14
N VAL C 166 20.66 -38.71 2.10
CA VAL C 166 20.13 -40.02 1.73
C VAL C 166 19.99 -40.06 0.21
N SER C 167 20.37 -41.20 -0.38
CA SER C 167 20.30 -41.36 -1.83
C SER C 167 20.08 -42.82 -2.16
N TRP C 168 19.27 -43.06 -3.19
CA TRP C 168 18.99 -44.41 -3.65
C TRP C 168 20.03 -44.84 -4.67
N ASN C 169 20.70 -45.97 -4.39
CA ASN C 169 21.74 -46.52 -5.27
C ASN C 169 22.81 -45.48 -5.59
N SER C 170 23.16 -44.66 -4.60
CA SER C 170 24.17 -43.62 -4.74
C SER C 170 23.81 -42.62 -5.84
N GLY C 171 22.52 -42.47 -6.14
CA GLY C 171 22.07 -41.52 -7.13
C GLY C 171 21.61 -42.13 -8.44
N ALA C 172 21.71 -43.45 -8.59
CA ALA C 172 21.27 -44.08 -9.83
C ALA C 172 19.76 -43.96 -10.03
N LEU C 173 18.99 -43.95 -8.94
CA LEU C 173 17.55 -43.80 -8.98
C LEU C 173 17.19 -42.43 -8.40
N THR C 174 16.70 -41.54 -9.25
CA THR C 174 16.36 -40.18 -8.83
C THR C 174 14.93 -39.77 -9.18
N SER C 175 14.36 -40.29 -10.26
CA SER C 175 13.00 -39.93 -10.65
C SER C 175 12.02 -40.57 -9.69
N GLY C 176 11.40 -39.76 -8.83
CA GLY C 176 10.45 -40.24 -7.86
C GLY C 176 10.94 -40.24 -6.43
N VAL C 177 12.17 -39.81 -6.16
CA VAL C 177 12.70 -39.78 -4.81
C VAL C 177 12.14 -38.55 -4.10
N HIS C 178 11.35 -38.77 -3.06
CA HIS C 178 10.72 -37.70 -2.30
C HIS C 178 11.36 -37.63 -0.92
N THR C 179 11.88 -36.46 -0.57
CA THR C 179 12.53 -36.22 0.72
C THR C 179 11.67 -35.27 1.53
N PHE C 180 11.26 -35.72 2.72
CA PHE C 180 10.38 -34.93 3.58
C PHE C 180 11.17 -34.31 4.72
N PRO C 181 10.76 -33.12 5.17
CA PRO C 181 11.49 -32.47 6.26
C PRO C 181 11.34 -33.21 7.58
N ALA C 182 12.34 -33.05 8.44
CA ALA C 182 12.34 -33.72 9.73
C ALA C 182 11.29 -33.11 10.66
N VAL C 183 10.89 -33.90 11.66
CA VAL C 183 9.92 -33.48 12.65
C VAL C 183 10.50 -33.70 14.04
N LEU C 184 10.14 -32.83 14.97
CA LEU C 184 10.65 -32.89 16.33
C LEU C 184 9.72 -33.73 17.20
N GLN C 185 10.29 -34.71 17.88
CA GLN C 185 9.53 -35.58 18.77
C GLN C 185 9.47 -35.00 20.18
N SER C 186 8.69 -35.65 21.04
CA SER C 186 8.55 -35.18 22.41
C SER C 186 9.80 -35.46 23.23
N SER C 187 10.54 -36.53 22.91
CA SER C 187 11.75 -36.87 23.63
C SER C 187 12.94 -36.00 23.22
N GLY C 188 12.91 -35.39 22.04
CA GLY C 188 13.99 -34.57 21.57
C GLY C 188 14.70 -35.10 20.34
N LEU C 189 14.24 -36.20 19.76
CA LEU C 189 14.86 -36.79 18.59
C LEU C 189 14.06 -36.43 17.34
N TYR C 190 14.62 -36.79 16.18
CA TYR C 190 14.03 -36.47 14.89
C TYR C 190 13.83 -37.72 14.06
N SER C 191 12.92 -37.63 13.10
CA SER C 191 12.60 -38.73 12.19
C SER C 191 12.42 -38.18 10.78
N LEU C 192 12.94 -38.93 9.81
CA LEU C 192 12.84 -38.54 8.40
C LEU C 192 12.55 -39.78 7.56
N SER C 193 11.71 -39.60 6.54
CA SER C 193 11.33 -40.67 5.65
C SER C 193 11.67 -40.29 4.21
N SER C 194 12.36 -41.18 3.51
CA SER C 194 12.70 -40.99 2.10
C SER C 194 12.13 -42.15 1.31
N VAL C 195 11.13 -41.86 0.47
CA VAL C 195 10.43 -42.89 -0.29
C VAL C 195 10.66 -42.66 -1.78
N VAL C 196 10.28 -43.65 -2.57
CA VAL C 196 10.45 -43.60 -4.02
C VAL C 196 9.43 -44.55 -4.64
N THR C 197 8.97 -44.21 -5.84
CA THR C 197 8.00 -44.99 -6.57
C THR C 197 8.65 -45.57 -7.83
N VAL C 198 8.32 -46.83 -8.14
CA VAL C 198 8.88 -47.52 -9.29
C VAL C 198 7.89 -48.59 -9.74
N PRO C 199 7.71 -48.81 -11.03
CA PRO C 199 6.83 -49.89 -11.48
C PRO C 199 7.26 -51.24 -10.92
N SER C 200 6.28 -52.14 -10.76
CA SER C 200 6.56 -53.45 -10.20
C SER C 200 7.42 -54.30 -11.12
N SER C 201 7.49 -53.95 -12.40
CA SER C 201 8.33 -54.72 -13.33
C SER C 201 9.80 -54.60 -12.97
N SER C 202 10.21 -53.46 -12.42
CA SER C 202 11.60 -53.25 -12.04
C SER C 202 11.95 -53.89 -10.70
N LEU C 203 10.95 -54.16 -9.86
CA LEU C 203 11.22 -54.74 -8.55
C LEU C 203 11.76 -56.17 -8.68
N GLY C 204 11.24 -56.93 -9.65
CA GLY C 204 11.69 -58.28 -9.88
C GLY C 204 12.92 -58.42 -10.73
N THR C 205 13.61 -57.32 -11.02
CA THR C 205 14.81 -57.34 -11.86
C THR C 205 16.04 -56.76 -11.17
N GLN C 206 15.90 -55.66 -10.43
CA GLN C 206 17.03 -55.04 -9.78
C GLN C 206 16.62 -54.60 -8.37
N THR C 207 17.53 -54.79 -7.42
CA THR C 207 17.29 -54.40 -6.04
C THR C 207 17.60 -52.92 -5.84
N TYR C 208 17.33 -52.44 -4.63
CA TYR C 208 17.53 -51.04 -4.28
C TYR C 208 18.17 -50.93 -2.91
N ILE C 209 19.07 -49.96 -2.76
CA ILE C 209 19.78 -49.69 -1.51
C ILE C 209 19.67 -48.20 -1.23
N CYS C 210 19.17 -47.85 -0.04
CA CYS C 210 19.04 -46.46 0.37
C CYS C 210 20.25 -46.10 1.21
N ASN C 211 21.30 -45.61 0.57
CA ASN C 211 22.52 -45.22 1.26
C ASN C 211 22.28 -43.91 1.99
N VAL C 212 22.41 -43.92 3.31
CA VAL C 212 22.16 -42.76 4.15
C VAL C 212 23.43 -42.45 4.94
N ASN C 213 23.90 -41.21 4.81
CA ASN C 213 25.09 -40.75 5.52
C ASN C 213 24.72 -39.52 6.34
N HIS C 214 25.28 -39.44 7.54
CA HIS C 214 25.04 -38.33 8.46
C HIS C 214 26.29 -37.47 8.48
N LYS C 215 26.16 -36.23 7.98
CA LYS C 215 27.32 -35.35 7.90
C LYS C 215 27.87 -34.92 9.26
N PRO C 216 27.06 -34.49 10.24
CA PRO C 216 27.64 -34.10 11.54
C PRO C 216 28.21 -35.27 12.33
N SER C 217 28.18 -36.48 11.81
CA SER C 217 28.71 -37.64 12.51
C SER C 217 29.41 -38.52 11.49
N ASN C 218 29.71 -39.76 11.87
CA ASN C 218 30.35 -40.74 11.00
C ASN C 218 29.45 -41.97 10.83
N THR C 219 28.17 -41.74 10.60
CA THR C 219 27.18 -42.82 10.48
C THR C 219 26.79 -42.96 9.02
N LYS C 220 27.14 -44.11 8.43
CA LYS C 220 26.78 -44.44 7.06
C LYS C 220 26.14 -45.82 7.05
N VAL C 221 24.92 -45.90 6.50
CA VAL C 221 24.15 -47.13 6.48
C VAL C 221 23.73 -47.42 5.04
N ASP C 222 23.87 -48.68 4.63
CA ASP C 222 23.46 -49.15 3.31
C ASP C 222 22.35 -50.17 3.53
N LYS C 223 21.11 -49.72 3.50
CA LYS C 223 19.95 -50.56 3.78
C LYS C 223 19.32 -51.04 2.48
N LYS C 224 19.23 -52.36 2.32
CA LYS C 224 18.63 -52.95 1.15
C LYS C 224 17.11 -53.06 1.33
N VAL C 225 16.37 -52.72 0.28
CA VAL C 225 14.91 -52.80 0.29
C VAL C 225 14.49 -53.78 -0.81
N GLU C 226 13.77 -54.81 -0.42
CA GLU C 226 13.28 -55.83 -1.35
C GLU C 226 11.87 -56.24 -0.94
N PRO C 227 10.99 -56.53 -1.92
CA PRO C 227 9.63 -56.97 -1.64
C PRO C 227 9.56 -58.27 -0.85
N1 A1D9A D . -29.33 37.09 -29.18
N3 A1D9A D . -31.94 35.81 -22.93
C4 A1D9A D . -26.30 40.91 -29.02
C5 A1D9A D . -25.66 40.14 -28.04
C6 A1D9A D . -25.98 42.38 -29.34
C7 A1D9A D . -26.31 42.82 -30.79
C8 A1D9A D . -27.61 42.76 -31.30
C10 A1D9A D . -26.83 43.62 -33.39
C13 A1D9A D . -26.52 43.38 -28.24
C15 A1D9A D . -26.69 44.00 -25.91
C17 A1D9A D . -27.71 45.38 -27.58
C20 A1D9A D . -30.03 35.81 -29.34
C21 A1D9A D . -30.43 35.27 -27.96
C22 A1D9A D . -31.33 36.31 -27.19
C24 A1D9A D . -31.83 35.45 -24.13
CL1 A1D9A D . -27.16 44.13 -35.07
CL2 A1D9A D . -27.99 46.23 -24.96
C1 A1D9A D . -25.59 37.78 -26.94
O1 A1D9A D . -27.30 36.09 -29.04
S1 A1D9A D . -27.44 39.88 -29.75
C2 A1D9A D . -26.15 38.78 -27.94
N2 A1D9A D . -32.66 36.06 -25.16
O2 A1D9A D . -31.40 37.08 -30.83
C3 A1D9A D . -27.17 38.47 -28.86
O3 A1D9A D . -32.13 35.15 -30.22
N4 A1D9A D . -30.97 34.53 -24.45
C9 A1D9A D . -27.87 43.15 -32.59
C11 A1D9A D . -25.56 43.69 -32.90
C12 A1D9A D . -25.30 43.29 -31.59
C14 A1D9A D . -26.23 43.13 -26.91
C16 A1D9A D . -27.42 45.12 -26.24
C18 A1D9A D . -27.25 44.53 -28.57
C19 A1D9A D . -27.91 37.10 -29.03
C23 A1D9A D . -32.54 35.66 -26.54
C25 A1D9A D . -31.26 36.02 -30.17
#